data_4ARW
#
_entry.id   4ARW
#
_cell.length_a   63.990
_cell.length_b   153.760
_cell.length_c   134.650
_cell.angle_alpha   90.00
_cell.angle_beta   92.32
_cell.angle_gamma   90.00
#
_symmetry.space_group_name_H-M   'C 1 2 1'
#
loop_
_entity.id
_entity.type
_entity.pdbx_description
1 polymer 'GLUCOSE-1-PHOSPHATE THYMIDYLYLTRANSFERASE'
2 non-polymer N-(6-AMINO-1-BUTYL-2,4-DIOXO-1,2,3,4-TETRAHYDROPYRIMIDIN-5-YL)-N-METHYL-BENZENESULFONAMIDE
3 non-polymer '2-(N-MORPHOLINO)-ETHANESULFONIC ACID'
4 non-polymer 'CHLORIDE ION'
5 non-polymer GLYCEROL
6 water water
#
_entity_poly.entity_id   1
_entity_poly.type   'polypeptide(L)'
_entity_poly.pdbx_seq_one_letter_code
;HHHHHHGSAMKRKGIILAGGSGTRLHPATLAISKQLLPVYDKPMIYYPLSTLMLAGIREILIISTPQDTPRFQQLLGDGS
NWGLDLQYAVQPSPDGLAQAFLIGESFIGNDLSALVLGDNLYYGHDFHELLGSASQRQTGASVFAYHVLDPERYGVVEFD
QGGKAISLEEKPLEPKSNYAVTGLYFYDQQVVDIARDLKPSPRGELEITDVNRAYLERGQLSVEIMGRGYAWLDTGTHDS
LLEAGQFIATLENRQGLKVACPEEIAYRQKWIDAAQLEKLAAPLAKNGYGQYLKRLLTETVY
;
_entity_poly.pdbx_strand_id   A,B,C,D
#
# COMPACT_ATOMS: atom_id res chain seq x y z
N HIS A 4 17.29 8.68 31.87
CA HIS A 4 18.69 8.64 31.36
C HIS A 4 18.77 7.93 30.04
N HIS A 5 19.36 8.61 29.06
CA HIS A 5 19.62 8.02 27.75
C HIS A 5 21.05 7.60 27.65
N HIS A 6 21.33 6.62 26.81
CA HIS A 6 22.67 6.06 26.68
C HIS A 6 23.14 6.11 25.26
N ARG A 12 21.23 7.30 9.27
CA ARG A 12 20.39 8.39 8.63
C ARG A 12 19.18 7.78 7.92
N LYS A 13 17.98 8.30 8.19
CA LYS A 13 16.75 7.81 7.57
C LYS A 13 16.42 8.71 6.37
N GLY A 14 15.73 8.17 5.36
CA GLY A 14 15.33 8.97 4.20
C GLY A 14 13.83 9.22 4.11
N ILE A 15 13.46 10.40 3.61
CA ILE A 15 12.08 10.68 3.24
C ILE A 15 11.98 11.11 1.77
N ILE A 16 11.02 10.54 1.05
CA ILE A 16 10.68 10.97 -0.28
C ILE A 16 9.30 11.60 -0.26
N LEU A 17 9.24 12.90 -0.55
CA LEU A 17 7.97 13.60 -0.65
C LEU A 17 7.46 13.46 -2.06
N ALA A 18 6.40 12.66 -2.20
CA ALA A 18 5.79 12.38 -3.49
C ALA A 18 4.28 12.53 -3.39
N GLY A 19 3.86 13.69 -2.88
CA GLY A 19 2.44 13.96 -2.65
C GLY A 19 1.80 14.64 -3.84
N GLY A 20 0.81 15.47 -3.54
CA GLY A 20 0.07 16.18 -4.57
C GLY A 20 0.89 17.33 -5.13
N SER A 21 0.96 17.41 -6.46
CA SER A 21 1.41 18.63 -7.16
C SER A 21 0.20 19.52 -7.49
N GLY A 22 -0.88 19.35 -6.73
CA GLY A 22 -2.11 20.08 -6.95
C GLY A 22 -2.71 19.81 -8.32
N THR A 23 -3.31 20.84 -8.92
CA THR A 23 -3.92 20.75 -10.25
C THR A 23 -3.03 21.41 -11.33
N ARG A 24 -1.76 21.62 -10.98
CA ARG A 24 -0.85 22.38 -11.84
C ARG A 24 -0.64 21.69 -13.19
N LEU A 25 -0.58 20.36 -13.20
CA LEU A 25 -0.29 19.60 -14.42
C LEU A 25 -1.51 18.83 -14.93
N HIS A 26 -2.67 19.14 -14.36
CA HIS A 26 -3.93 18.62 -14.86
C HIS A 26 -4.12 19.16 -16.25
N PRO A 27 -4.72 18.36 -17.17
CA PRO A 27 -5.33 17.05 -16.94
C PRO A 27 -4.40 15.83 -17.03
N ALA A 28 -3.15 16.02 -17.45
CA ALA A 28 -2.18 14.93 -17.58
C ALA A 28 -2.09 14.10 -16.31
N THR A 29 -2.08 14.77 -15.16
CA THR A 29 -1.95 14.11 -13.87
C THR A 29 -3.31 13.89 -13.15
N LEU A 30 -4.45 13.97 -13.85
CA LEU A 30 -5.75 13.68 -13.20
C LEU A 30 -5.89 12.23 -12.72
N ALA A 31 -5.42 11.28 -13.51
CA ALA A 31 -5.60 9.84 -13.18
C ALA A 31 -4.53 9.27 -12.24
N ILE A 32 -3.40 9.95 -12.09
CA ILE A 32 -2.23 9.40 -11.38
C ILE A 32 -1.28 10.51 -10.95
N SER A 33 -0.63 10.33 -9.79
CA SER A 33 0.36 11.29 -9.29
C SER A 33 1.57 11.41 -10.23
N LYS A 34 2.13 12.62 -10.28
CA LYS A 34 3.27 12.93 -11.11
C LYS A 34 4.44 11.97 -10.89
N GLN A 35 4.68 11.58 -9.64
CA GLN A 35 5.88 10.81 -9.28
C GLN A 35 5.77 9.34 -9.71
N LEU A 36 4.61 8.95 -10.21
CA LEU A 36 4.46 7.65 -10.83
C LEU A 36 4.50 7.74 -12.36
N LEU A 37 4.62 8.95 -12.91
CA LEU A 37 4.72 9.08 -14.36
C LEU A 37 6.10 8.52 -14.75
N PRO A 38 6.23 7.93 -15.94
CA PRO A 38 7.57 7.48 -16.32
C PRO A 38 8.47 8.63 -16.75
N VAL A 39 9.75 8.52 -16.42
CA VAL A 39 10.75 9.32 -17.08
C VAL A 39 11.56 8.32 -17.91
N TYR A 40 11.26 8.33 -19.19
CA TYR A 40 11.75 7.38 -20.21
C TYR A 40 11.33 5.96 -19.91
N ASP A 41 12.14 5.19 -19.19
CA ASP A 41 11.92 3.74 -19.08
C ASP A 41 11.57 3.26 -17.67
N LYS A 42 11.35 4.18 -16.74
CA LYS A 42 11.04 3.81 -15.37
C LYS A 42 10.26 4.90 -14.66
N PRO A 43 9.52 4.54 -13.60
CA PRO A 43 8.77 5.57 -12.88
C PRO A 43 9.66 6.66 -12.29
N MET A 44 9.16 7.88 -12.30
CA MET A 44 9.90 9.02 -11.78
C MET A 44 10.46 8.78 -10.39
N ILE A 45 9.68 8.16 -9.52
CA ILE A 45 10.10 7.97 -8.13
C ILE A 45 11.36 7.10 -8.03
N TYR A 46 11.65 6.28 -9.05
CA TYR A 46 12.88 5.47 -9.07
C TYR A 46 14.15 6.33 -8.96
N TYR A 47 14.10 7.53 -9.53
CA TYR A 47 15.27 8.42 -9.57
C TYR A 47 15.64 8.99 -8.18
N PRO A 48 14.69 9.65 -7.49
CA PRO A 48 15.00 10.10 -6.12
C PRO A 48 15.23 8.94 -5.14
N LEU A 49 14.53 7.82 -5.34
CA LEU A 49 14.78 6.66 -4.49
C LEU A 49 16.23 6.20 -4.69
N SER A 50 16.64 6.03 -5.94
CA SER A 50 18.01 5.63 -6.27
C SER A 50 19.05 6.60 -5.68
N THR A 51 18.68 7.88 -5.56
CA THR A 51 19.54 8.92 -5.03
C THR A 51 19.79 8.68 -3.54
N LEU A 52 18.72 8.48 -2.77
CA LEU A 52 18.86 8.15 -1.35
C LEU A 52 19.70 6.89 -1.17
N MET A 53 19.47 5.90 -2.04
CA MET A 53 20.21 4.65 -1.99
C MET A 53 21.70 4.89 -2.26
N LEU A 54 21.98 5.79 -3.19
CA LEU A 54 23.37 6.07 -3.52
C LEU A 54 24.05 6.74 -2.32
N ALA A 55 23.29 7.52 -1.57
CA ALA A 55 23.76 8.12 -0.34
C ALA A 55 23.92 7.09 0.80
N GLY A 56 23.62 5.82 0.54
CA GLY A 56 23.72 4.75 1.54
C GLY A 56 22.55 4.63 2.50
N ILE A 57 21.42 5.28 2.22
CA ILE A 57 20.25 5.25 3.10
C ILE A 57 19.34 4.07 2.74
N ARG A 58 18.98 3.28 3.75
CA ARG A 58 18.23 2.04 3.55
C ARG A 58 16.84 2.05 4.20
N GLU A 59 16.63 2.92 5.17
CA GLU A 59 15.32 3.06 5.81
C GLU A 59 14.72 4.34 5.29
N ILE A 60 13.63 4.19 4.54
CA ILE A 60 13.05 5.28 3.77
C ILE A 60 11.52 5.33 3.90
N LEU A 61 11.00 6.54 4.14
CA LEU A 61 9.56 6.80 4.23
C LEU A 61 9.08 7.46 2.94
N ILE A 62 8.10 6.88 2.27
CA ILE A 62 7.46 7.51 1.12
C ILE A 62 6.17 8.20 1.56
N ILE A 63 6.11 9.50 1.32
CA ILE A 63 4.94 10.29 1.64
C ILE A 63 4.15 10.58 0.35
N SER A 64 2.91 10.08 0.27
CA SER A 64 2.07 10.35 -0.90
C SER A 64 0.65 10.76 -0.47
N THR A 65 -0.20 11.03 -1.45
CA THR A 65 -1.62 11.32 -1.18
C THR A 65 -2.30 10.03 -0.71
N PRO A 66 -3.38 10.14 0.08
CA PRO A 66 -4.11 8.91 0.43
C PRO A 66 -4.58 8.09 -0.79
N GLN A 67 -4.88 8.79 -1.88
CA GLN A 67 -5.41 8.16 -3.08
C GLN A 67 -4.37 7.27 -3.75
N ASP A 68 -3.10 7.67 -3.73
CA ASP A 68 -2.06 6.96 -4.52
C ASP A 68 -1.07 6.11 -3.74
N THR A 69 -1.14 6.17 -2.40
CA THR A 69 -0.26 5.34 -1.59
C THR A 69 -0.29 3.88 -2.01
N PRO A 70 -1.47 3.30 -2.27
CA PRO A 70 -1.47 1.89 -2.68
C PRO A 70 -0.73 1.63 -3.97
N ARG A 71 -0.72 2.61 -4.87
CA ARG A 71 0.01 2.51 -6.13
C ARG A 71 1.54 2.52 -5.89
N PHE A 72 2.01 3.42 -5.01
CA PHE A 72 3.41 3.38 -4.58
C PHE A 72 3.72 2.05 -3.92
N GLN A 73 2.85 1.60 -3.02
CA GLN A 73 3.07 0.33 -2.32
C GLN A 73 3.15 -0.86 -3.29
N GLN A 74 2.32 -0.85 -4.32
CA GLN A 74 2.30 -1.92 -5.32
C GLN A 74 3.58 -1.92 -6.14
N LEU A 75 4.04 -0.73 -6.52
CA LEU A 75 5.28 -0.61 -7.27
C LEU A 75 6.49 -1.01 -6.42
N LEU A 76 6.56 -0.53 -5.18
CA LEU A 76 7.79 -0.57 -4.39
C LEU A 76 7.81 -1.62 -3.27
N GLY A 77 6.64 -2.02 -2.80
CA GLY A 77 6.56 -3.01 -1.71
C GLY A 77 7.14 -2.48 -0.42
N ASP A 78 7.71 -3.38 0.38
CA ASP A 78 8.29 -3.01 1.65
C ASP A 78 9.80 -2.83 1.57
N GLY A 79 10.39 -2.94 0.38
CA GLY A 79 11.82 -2.73 0.19
C GLY A 79 12.68 -3.99 0.22
N SER A 80 12.16 -5.07 0.80
CA SER A 80 12.96 -6.27 1.05
C SER A 80 13.56 -6.86 -0.22
N ASN A 81 12.90 -6.72 -1.37
CA ASN A 81 13.48 -7.19 -2.63
C ASN A 81 14.80 -6.49 -3.00
N TRP A 82 15.00 -5.27 -2.50
CA TRP A 82 16.15 -4.44 -2.84
C TRP A 82 17.01 -4.13 -1.64
N GLY A 83 16.84 -4.86 -0.54
CA GLY A 83 17.69 -4.65 0.65
C GLY A 83 17.43 -3.36 1.41
N LEU A 84 16.19 -2.90 1.36
CA LEU A 84 15.78 -1.66 1.99
C LEU A 84 14.64 -2.00 2.95
N ASP A 85 14.26 -1.02 3.76
CA ASP A 85 12.98 -1.06 4.45
C ASP A 85 12.21 0.18 4.09
N LEU A 86 11.10 -0.01 3.37
CA LEU A 86 10.27 1.10 2.93
C LEU A 86 8.98 1.16 3.77
N GLN A 87 8.70 2.33 4.34
CA GLN A 87 7.44 2.61 5.02
C GLN A 87 6.65 3.72 4.31
N TYR A 88 5.38 3.85 4.67
CA TYR A 88 4.49 4.80 3.98
C TYR A 88 3.71 5.67 4.94
N ALA A 89 3.53 6.91 4.52
CA ALA A 89 2.67 7.86 5.21
C ALA A 89 1.89 8.64 4.16
N VAL A 90 0.77 9.21 4.58
CA VAL A 90 -0.07 9.98 3.69
C VAL A 90 0.03 11.45 4.06
N GLN A 91 -0.11 12.30 3.06
CA GLN A 91 -0.21 13.72 3.26
C GLN A 91 -1.61 14.07 2.76
N PRO A 92 -2.60 14.11 3.68
CA PRO A 92 -3.98 14.40 3.35
C PRO A 92 -4.14 15.64 2.47
N SER A 93 -3.38 16.69 2.78
CA SER A 93 -3.44 17.95 2.07
C SER A 93 -2.03 18.52 1.88
N PRO A 94 -1.71 19.08 0.69
CA PRO A 94 -0.35 19.53 0.40
C PRO A 94 0.01 20.86 1.09
N ASP A 95 0.29 20.79 2.39
CA ASP A 95 0.52 22.01 3.17
C ASP A 95 2.01 22.36 3.24
N GLY A 96 2.80 21.93 2.25
CA GLY A 96 4.20 22.35 2.13
C GLY A 96 5.25 21.29 2.46
N LEU A 97 6.48 21.53 1.97
CA LEU A 97 7.55 20.52 2.00
C LEU A 97 8.00 20.23 3.44
N ALA A 98 8.01 21.27 4.27
CA ALA A 98 8.47 21.14 5.65
C ALA A 98 7.55 20.24 6.45
N GLN A 99 6.32 20.04 5.99
CA GLN A 99 5.38 19.13 6.64
C GLN A 99 5.90 17.70 6.69
N ALA A 100 6.84 17.37 5.78
CA ALA A 100 7.42 16.04 5.74
C ALA A 100 7.90 15.60 7.12
N PHE A 101 8.47 16.55 7.87
CA PHE A 101 9.07 16.24 9.17
C PHE A 101 8.07 16.05 10.31
N LEU A 102 6.89 16.63 10.18
CA LEU A 102 5.81 16.43 11.15
C LEU A 102 5.11 15.12 10.84
N ILE A 103 4.78 14.90 9.57
CA ILE A 103 4.23 13.62 9.12
C ILE A 103 5.19 12.47 9.43
N GLY A 104 6.49 12.70 9.19
CA GLY A 104 7.50 11.66 9.40
C GLY A 104 8.17 11.62 10.77
N GLU A 105 7.57 12.29 11.75
CA GLU A 105 8.23 12.49 13.05
C GLU A 105 8.56 11.18 13.77
N SER A 106 7.56 10.30 13.89
CA SER A 106 7.78 9.03 14.57
C SER A 106 8.73 8.13 13.75
N PHE A 107 8.62 8.18 12.43
CA PHE A 107 9.58 7.48 11.56
C PHE A 107 11.02 7.92 11.81
N ILE A 108 11.24 9.23 11.89
CA ILE A 108 12.60 9.75 12.10
C ILE A 108 13.16 9.39 13.47
N GLY A 109 12.31 9.48 14.51
CA GLY A 109 12.74 9.20 15.87
C GLY A 109 13.89 10.13 16.23
N ASN A 110 14.96 9.55 16.79
CA ASN A 110 16.11 10.31 17.23
C ASN A 110 17.27 10.29 16.22
N ASP A 111 16.97 9.99 14.95
CA ASP A 111 18.01 9.81 13.95
C ASP A 111 18.22 11.05 13.10
N LEU A 112 19.33 11.04 12.38
CA LEU A 112 19.60 11.99 11.30
C LEU A 112 18.68 11.66 10.13
N SER A 113 18.47 12.59 9.21
CA SER A 113 17.56 12.35 8.11
C SER A 113 17.98 12.99 6.80
N ALA A 114 17.35 12.56 5.71
CA ALA A 114 17.52 13.15 4.39
C ALA A 114 16.16 13.27 3.75
N LEU A 115 15.84 14.46 3.25
CA LEU A 115 14.60 14.68 2.53
C LEU A 115 14.89 14.87 1.04
N VAL A 116 14.25 14.08 0.19
CA VAL A 116 14.36 14.29 -1.25
C VAL A 116 12.97 14.45 -1.87
N LEU A 117 12.87 15.34 -2.85
CA LEU A 117 11.62 15.52 -3.57
C LEU A 117 11.47 14.39 -4.59
N GLY A 118 10.27 13.85 -4.66
CA GLY A 118 9.99 12.68 -5.47
C GLY A 118 9.96 12.96 -6.96
N ASP A 119 10.07 14.23 -7.36
CA ASP A 119 10.14 14.58 -8.77
C ASP A 119 11.47 15.19 -9.21
N ASN A 120 12.53 14.94 -8.44
CA ASN A 120 13.85 15.47 -8.75
C ASN A 120 14.78 14.40 -9.30
N LEU A 121 15.38 14.69 -10.47
CA LEU A 121 16.34 13.79 -11.07
C LEU A 121 17.73 14.45 -11.04
N TYR A 122 18.72 13.68 -10.65
CA TYR A 122 20.10 14.10 -10.69
C TYR A 122 20.93 13.16 -11.57
N TYR A 123 22.01 13.66 -12.12
CA TYR A 123 22.97 12.81 -12.86
C TYR A 123 24.35 13.44 -12.85
N GLY A 124 25.37 12.62 -12.62
CA GLY A 124 26.74 13.09 -12.86
C GLY A 124 27.84 12.28 -12.23
N HIS A 125 29.06 12.61 -12.63
CA HIS A 125 30.23 11.90 -12.20
C HIS A 125 30.55 12.26 -10.79
N ASP A 126 30.89 11.23 -10.01
CA ASP A 126 31.21 11.35 -8.58
C ASP A 126 30.01 11.86 -7.75
N PHE A 127 28.80 11.55 -8.21
CA PHE A 127 27.59 11.94 -7.49
C PHE A 127 27.57 11.22 -6.15
N HIS A 128 28.02 9.96 -6.17
CA HIS A 128 28.15 9.17 -4.96
C HIS A 128 28.97 9.87 -3.90
N GLU A 129 30.08 10.48 -4.32
CA GLU A 129 30.98 11.19 -3.40
C GLU A 129 30.40 12.53 -2.95
N LEU A 130 29.68 13.22 -3.83
CA LEU A 130 28.97 14.44 -3.45
C LEU A 130 27.88 14.15 -2.40
N LEU A 131 27.18 13.04 -2.55
CA LEU A 131 26.18 12.62 -1.56
C LEU A 131 26.88 12.21 -0.24
N GLY A 132 27.99 11.50 -0.36
CA GLY A 132 28.75 11.05 0.81
C GLY A 132 29.21 12.19 1.69
N SER A 133 29.69 13.25 1.07
CA SER A 133 30.17 14.40 1.82
C SER A 133 29.07 15.01 2.69
N ALA A 134 27.90 15.24 2.10
CA ALA A 134 26.75 15.74 2.86
C ALA A 134 26.30 14.73 3.95
N SER A 135 26.22 13.46 3.58
CA SER A 135 25.79 12.42 4.52
C SER A 135 26.73 12.25 5.74
N GLN A 136 28.03 12.52 5.53
CA GLN A 136 29.07 12.42 6.58
C GLN A 136 28.99 13.55 7.61
N ARG A 137 28.50 14.72 7.21
CA ARG A 137 28.28 15.83 8.13
C ARG A 137 27.13 15.43 9.06
N GLN A 138 27.48 14.95 10.25
CA GLN A 138 26.50 14.45 11.21
C GLN A 138 25.76 15.57 11.95
N THR A 139 26.31 16.78 11.89
CA THR A 139 25.72 17.92 12.55
C THR A 139 25.37 18.97 11.53
N GLY A 140 24.38 19.78 11.85
CA GLY A 140 23.92 20.84 10.99
C GLY A 140 23.04 20.27 9.90
N ALA A 141 22.82 21.11 8.88
CA ALA A 141 22.09 20.72 7.68
C ALA A 141 22.98 20.94 6.47
N SER A 142 22.79 20.12 5.44
CA SER A 142 23.51 20.25 4.18
C SER A 142 22.54 20.30 2.99
N VAL A 143 22.73 21.30 2.13
CA VAL A 143 21.95 21.42 0.92
C VAL A 143 22.87 21.65 -0.27
N PHE A 144 22.31 21.66 -1.46
CA PHE A 144 23.09 21.88 -2.66
C PHE A 144 22.55 23.04 -3.45
N ALA A 145 23.46 23.83 -4.00
CA ALA A 145 23.12 24.98 -4.83
C ALA A 145 23.58 24.74 -6.26
N TYR A 146 22.69 24.99 -7.21
CA TYR A 146 22.92 24.73 -8.61
C TYR A 146 22.52 25.92 -9.44
N HIS A 147 23.36 26.25 -10.42
CA HIS A 147 23.13 27.41 -11.30
C HIS A 147 22.03 27.08 -12.26
N VAL A 148 20.98 27.89 -12.25
CA VAL A 148 19.81 27.71 -13.14
C VAL A 148 19.52 29.00 -13.92
N LEU A 149 18.80 28.87 -15.02
CA LEU A 149 18.33 30.01 -15.80
C LEU A 149 17.30 30.82 -15.04
N ASP A 150 16.46 30.13 -14.27
CA ASP A 150 15.28 30.75 -13.68
C ASP A 150 15.22 30.64 -12.17
N PRO A 151 16.14 31.33 -11.47
CA PRO A 151 16.20 31.18 -10.01
C PRO A 151 14.96 31.64 -9.25
N GLU A 152 14.18 32.56 -9.85
CA GLU A 152 12.85 33.01 -9.34
C GLU A 152 11.97 31.89 -8.84
N ARG A 153 12.07 30.70 -9.45
CA ARG A 153 11.16 29.59 -9.15
C ARG A 153 11.58 28.82 -7.93
N TYR A 154 12.73 29.14 -7.36
CA TYR A 154 13.32 28.29 -6.33
C TYR A 154 13.68 29.08 -5.10
N GLY A 155 14.14 28.35 -4.09
CA GLY A 155 14.91 28.94 -3.02
C GLY A 155 16.29 29.30 -3.54
N VAL A 156 16.66 30.57 -3.38
CA VAL A 156 17.88 31.12 -3.95
C VAL A 156 18.89 31.43 -2.85
N VAL A 157 20.15 31.05 -3.06
CA VAL A 157 21.20 31.32 -2.08
C VAL A 157 22.12 32.42 -2.57
N GLU A 158 22.44 33.36 -1.67
CA GLU A 158 23.35 34.47 -1.96
C GLU A 158 24.66 34.20 -1.26
N PHE A 159 25.77 34.45 -1.94
CA PHE A 159 27.09 34.22 -1.38
C PHE A 159 27.82 35.55 -1.26
N ASP A 160 28.78 35.63 -0.34
CA ASP A 160 29.66 36.80 -0.23
C ASP A 160 30.91 36.59 -1.11
N GLN A 161 31.81 37.57 -1.16
CA GLN A 161 33.01 37.47 -2.03
C GLN A 161 33.85 36.23 -1.75
N GLY A 162 33.86 35.77 -0.50
CA GLY A 162 34.59 34.57 -0.14
C GLY A 162 33.88 33.26 -0.46
N GLY A 163 32.67 33.34 -1.01
CA GLY A 163 31.90 32.15 -1.33
C GLY A 163 31.08 31.58 -0.18
N LYS A 164 30.91 32.37 0.88
CA LYS A 164 30.14 31.95 2.06
C LYS A 164 28.65 32.27 1.82
N ALA A 165 27.76 31.35 2.16
CA ALA A 165 26.31 31.60 2.02
C ALA A 165 25.88 32.56 3.12
N ILE A 166 25.21 33.64 2.73
CA ILE A 166 24.82 34.67 3.68
C ILE A 166 23.33 34.98 3.68
N SER A 167 22.60 34.58 2.65
CA SER A 167 21.13 34.63 2.69
C SER A 167 20.48 33.56 1.82
N LEU A 168 19.23 33.28 2.16
CA LEU A 168 18.33 32.41 1.43
C LEU A 168 17.01 33.13 1.24
N GLU A 169 16.46 33.06 0.04
CA GLU A 169 15.16 33.70 -0.23
C GLU A 169 14.33 32.74 -1.07
N GLU A 170 13.06 32.59 -0.72
CA GLU A 170 12.14 31.71 -1.45
C GLU A 170 11.46 32.47 -2.57
N LYS A 171 11.72 32.04 -3.80
CA LYS A 171 11.11 32.62 -5.01
C LYS A 171 11.17 34.17 -5.10
N PRO A 172 12.36 34.76 -4.90
CA PRO A 172 12.45 36.21 -5.02
C PRO A 172 12.20 36.68 -6.45
N LEU A 173 11.53 37.82 -6.58
CA LEU A 173 11.32 38.43 -7.89
C LEU A 173 12.64 38.90 -8.50
N GLU A 174 13.57 39.34 -7.65
CA GLU A 174 14.88 39.76 -8.12
C GLU A 174 15.94 38.94 -7.40
N PRO A 175 16.25 37.75 -7.95
CA PRO A 175 17.19 36.85 -7.29
C PRO A 175 18.59 37.42 -7.17
N LYS A 176 19.19 37.22 -6.01
CA LYS A 176 20.51 37.73 -5.71
C LYS A 176 21.60 36.95 -6.43
N SER A 177 21.29 35.73 -6.85
CA SER A 177 22.19 34.93 -7.67
C SER A 177 21.35 34.02 -8.53
N ASN A 178 22.01 33.27 -9.40
CA ASN A 178 21.38 32.23 -10.19
C ASN A 178 21.46 30.84 -9.51
N TYR A 179 21.83 30.82 -8.24
CA TYR A 179 22.01 29.57 -7.50
C TYR A 179 20.76 29.14 -6.76
N ALA A 180 20.12 28.10 -7.29
CA ALA A 180 18.94 27.53 -6.69
C ALA A 180 19.32 26.39 -5.73
N VAL A 181 18.56 26.24 -4.65
CA VAL A 181 18.70 25.11 -3.74
C VAL A 181 17.98 23.90 -4.34
N THR A 182 18.68 22.77 -4.45
CA THR A 182 18.11 21.59 -5.11
C THR A 182 17.16 20.90 -4.12
N GLY A 183 16.31 20.00 -4.61
CA GLY A 183 15.34 19.31 -3.75
C GLY A 183 15.91 18.10 -3.03
N LEU A 184 17.09 18.28 -2.43
CA LEU A 184 17.75 17.22 -1.69
C LEU A 184 18.39 17.87 -0.47
N TYR A 185 18.01 17.40 0.71
CA TYR A 185 18.38 18.07 1.95
C TYR A 185 18.83 17.06 3.02
N PHE A 186 19.98 17.27 3.64
CA PHE A 186 20.41 16.44 4.76
C PHE A 186 20.29 17.20 6.11
N TYR A 187 19.78 16.53 7.15
CA TYR A 187 19.46 17.17 8.45
C TYR A 187 19.90 16.34 9.65
N ASP A 188 20.37 17.03 10.69
CA ASP A 188 20.70 16.40 11.96
C ASP A 188 19.39 16.29 12.76
N GLN A 189 19.47 16.05 14.07
CA GLN A 189 18.27 15.79 14.86
C GLN A 189 17.43 17.02 15.23
N GLN A 190 17.86 18.22 14.82
CA GLN A 190 17.13 19.44 15.17
C GLN A 190 15.97 19.77 14.23
N VAL A 191 15.82 19.04 13.13
CA VAL A 191 14.91 19.46 12.08
C VAL A 191 13.44 19.34 12.48
N VAL A 192 13.07 18.26 13.17
CA VAL A 192 11.67 18.08 13.55
C VAL A 192 11.20 19.25 14.42
N ASP A 193 12.01 19.64 15.41
CA ASP A 193 11.68 20.76 16.29
C ASP A 193 11.65 22.10 15.56
N ILE A 194 12.58 22.30 14.63
CA ILE A 194 12.54 23.49 13.76
C ILE A 194 11.24 23.52 12.95
N ALA A 195 10.90 22.38 12.34
CA ALA A 195 9.66 22.27 11.56
C ALA A 195 8.44 22.56 12.43
N ARG A 196 8.42 21.99 13.63
CA ARG A 196 7.27 22.13 14.53
C ARG A 196 6.95 23.59 14.86
N ASP A 197 7.97 24.44 15.03
CA ASP A 197 7.74 25.86 15.31
C ASP A 197 7.53 26.77 14.06
N LEU A 198 7.52 26.18 12.87
CA LEU A 198 7.24 26.96 11.65
C LEU A 198 5.80 27.47 11.62
N LYS A 199 5.63 28.74 11.27
CA LYS A 199 4.31 29.32 11.00
C LYS A 199 4.09 29.32 9.48
N PRO A 200 2.86 29.00 9.02
CA PRO A 200 2.53 29.04 7.60
C PRO A 200 2.93 30.36 6.91
N SER A 201 3.61 30.26 5.77
CA SER A 201 3.88 31.42 4.94
C SER A 201 2.54 31.98 4.42
N PRO A 202 2.57 33.15 3.76
CA PRO A 202 1.34 33.71 3.22
C PRO A 202 0.47 32.75 2.38
N ARG A 203 1.09 31.75 1.74
CA ARG A 203 0.36 30.80 0.89
C ARG A 203 -0.23 29.60 1.64
N GLY A 204 -0.08 29.58 2.97
CA GLY A 204 -0.58 28.47 3.79
C GLY A 204 0.37 27.28 3.87
N GLU A 205 1.60 27.45 3.36
CA GLU A 205 2.57 26.36 3.26
C GLU A 205 3.68 26.47 4.29
N LEU A 206 4.13 25.29 4.75
CA LEU A 206 5.26 25.17 5.67
C LEU A 206 6.53 25.02 4.83
N GLU A 207 7.34 26.08 4.80
CA GLU A 207 8.39 26.28 3.81
C GLU A 207 9.71 25.62 4.23
N ILE A 208 10.32 24.86 3.33
CA ILE A 208 11.64 24.25 3.60
C ILE A 208 12.72 25.33 3.68
N THR A 209 12.57 26.41 2.92
CA THR A 209 13.51 27.53 2.99
C THR A 209 13.58 28.15 4.40
N ASP A 210 12.44 28.24 5.09
CA ASP A 210 12.42 28.66 6.51
C ASP A 210 13.20 27.68 7.37
N VAL A 211 13.06 26.38 7.10
CA VAL A 211 13.89 25.39 7.82
C VAL A 211 15.37 25.62 7.55
N ASN A 212 15.72 25.85 6.29
CA ASN A 212 17.13 26.05 5.96
C ASN A 212 17.65 27.38 6.51
N ARG A 213 16.83 28.42 6.49
CA ARG A 213 17.21 29.71 7.12
C ARG A 213 17.42 29.56 8.63
N ALA A 214 16.62 28.73 9.30
CA ALA A 214 16.85 28.46 10.73
C ALA A 214 18.25 27.93 10.95
N TYR A 215 18.67 26.96 10.15
CA TYR A 215 20.03 26.39 10.28
C TYR A 215 21.07 27.47 9.95
N LEU A 216 20.81 28.27 8.92
CA LEU A 216 21.73 29.33 8.49
C LEU A 216 22.01 30.34 9.61
N GLU A 217 20.95 30.81 10.24
CA GLU A 217 21.05 31.74 11.37
C GLU A 217 21.81 31.15 12.56
N ARG A 218 21.82 29.82 12.70
CA ARG A 218 22.57 29.12 13.74
C ARG A 218 24.03 28.85 13.34
N GLY A 219 24.44 29.25 12.12
CA GLY A 219 25.77 28.90 11.58
C GLY A 219 25.96 27.40 11.37
N GLN A 220 24.89 26.71 11.00
CA GLN A 220 24.97 25.25 10.85
C GLN A 220 24.39 24.77 9.50
N LEU A 221 24.50 25.60 8.48
CA LEU A 221 24.07 25.26 7.14
C LEU A 221 25.28 25.21 6.24
N SER A 222 25.59 24.01 5.78
CA SER A 222 26.58 23.80 4.75
C SER A 222 25.84 23.85 3.40
N VAL A 223 26.30 24.72 2.52
CA VAL A 223 25.80 24.82 1.16
C VAL A 223 26.95 24.40 0.25
N GLU A 224 26.84 23.25 -0.38
CA GLU A 224 27.86 22.78 -1.32
C GLU A 224 27.39 23.12 -2.74
N ILE A 225 28.30 23.58 -3.58
CA ILE A 225 27.98 23.74 -4.99
C ILE A 225 27.85 22.38 -5.66
N MET A 226 26.72 22.17 -6.34
CA MET A 226 26.58 21.11 -7.32
C MET A 226 26.95 21.74 -8.66
N GLY A 227 28.11 21.40 -9.18
CA GLY A 227 28.67 22.06 -10.36
C GLY A 227 27.86 21.89 -11.64
N ARG A 228 28.21 22.68 -12.64
CA ARG A 228 27.53 22.67 -13.94
C ARG A 228 27.71 21.33 -14.69
N GLY A 229 28.70 20.55 -14.28
CA GLY A 229 28.91 19.20 -14.82
C GLY A 229 27.93 18.13 -14.33
N TYR A 230 27.09 18.48 -13.36
CA TYR A 230 25.94 17.70 -12.98
C TYR A 230 24.68 18.17 -13.70
N ALA A 231 23.79 17.24 -14.00
CA ALA A 231 22.45 17.56 -14.48
C ALA A 231 21.50 17.43 -13.30
N TRP A 232 20.86 18.55 -12.95
CA TRP A 232 19.71 18.53 -12.05
C TRP A 232 18.56 18.89 -12.93
N LEU A 233 17.70 17.92 -13.24
CA LEU A 233 16.71 18.07 -14.31
C LEU A 233 15.38 18.57 -13.76
N ASP A 234 14.68 19.28 -14.64
CA ASP A 234 13.42 19.95 -14.34
C ASP A 234 12.30 19.01 -14.73
N THR A 235 11.36 18.77 -13.80
CA THR A 235 10.09 18.09 -14.10
C THR A 235 8.84 18.95 -13.80
N GLY A 236 9.00 20.26 -13.79
CA GLY A 236 7.92 21.17 -13.39
C GLY A 236 6.86 21.46 -14.43
N THR A 237 7.17 21.25 -15.70
CA THR A 237 6.24 21.53 -16.78
C THR A 237 6.17 20.28 -17.65
N HIS A 238 5.21 20.26 -18.56
CA HIS A 238 5.12 19.17 -19.54
C HIS A 238 6.34 19.16 -20.43
N ASP A 239 6.77 20.34 -20.85
CA ASP A 239 8.00 20.51 -21.65
C ASP A 239 9.26 19.97 -20.98
N SER A 240 9.48 20.36 -19.72
CA SER A 240 10.65 19.90 -19.00
C SER A 240 10.57 18.40 -18.70
N LEU A 241 9.36 17.87 -18.48
CA LEU A 241 9.18 16.41 -18.33
C LEU A 241 9.67 15.65 -19.58
N LEU A 242 9.22 16.14 -20.73
CA LEU A 242 9.61 15.55 -21.99
C LEU A 242 11.13 15.64 -22.17
N GLU A 243 11.74 16.79 -21.87
CA GLU A 243 13.20 16.96 -21.95
C GLU A 243 13.94 16.03 -21.01
N ALA A 244 13.37 15.81 -19.83
CA ALA A 244 13.93 14.83 -18.88
C ALA A 244 13.91 13.40 -19.44
N GLY A 245 12.81 13.00 -20.09
CA GLY A 245 12.78 11.70 -20.77
C GLY A 245 13.84 11.56 -21.88
N GLN A 246 13.95 12.60 -22.72
CA GLN A 246 14.93 12.63 -23.82
CA GLN A 246 14.93 12.60 -23.83
C GLN A 246 16.37 12.59 -23.30
N PHE A 247 16.61 13.26 -22.18
CA PHE A 247 17.94 13.33 -21.60
C PHE A 247 18.39 11.92 -21.10
N ILE A 248 17.52 11.25 -20.34
CA ILE A 248 17.79 9.91 -19.89
C ILE A 248 17.94 8.93 -21.05
N ALA A 249 17.04 9.00 -22.03
CA ALA A 249 17.12 8.11 -23.20
C ALA A 249 18.45 8.20 -23.95
N THR A 250 18.95 9.41 -24.13
CA THR A 250 20.22 9.63 -24.80
C THR A 250 21.41 9.01 -24.06
N LEU A 251 21.44 9.19 -22.75
CA LEU A 251 22.50 8.61 -21.95
C LEU A 251 22.40 7.08 -21.99
N GLU A 252 21.21 6.53 -21.77
CA GLU A 252 21.07 5.07 -21.67
C GLU A 252 21.29 4.35 -23.00
N ASN A 253 20.77 4.91 -24.10
CA ASN A 253 20.99 4.32 -25.41
C ASN A 253 22.44 4.47 -25.91
N ARG A 254 23.17 5.46 -25.39
CA ARG A 254 24.56 5.66 -25.73
C ARG A 254 25.41 4.65 -24.99
N GLN A 255 25.13 4.48 -23.70
CA GLN A 255 26.00 3.73 -22.79
C GLN A 255 25.73 2.21 -22.71
N GLY A 256 24.48 1.83 -22.91
CA GLY A 256 24.02 0.50 -22.55
C GLY A 256 24.00 0.35 -21.04
N LEU A 257 23.86 1.46 -20.32
CA LEU A 257 23.73 1.47 -18.87
C LEU A 257 22.53 2.32 -18.52
N LYS A 258 21.89 2.00 -17.39
CA LYS A 258 20.77 2.78 -16.96
C LYS A 258 21.13 3.78 -15.87
N VAL A 259 20.34 4.85 -15.82
CA VAL A 259 20.40 5.81 -14.74
C VAL A 259 19.30 5.48 -13.71
N ALA A 260 19.69 5.37 -12.44
CA ALA A 260 18.74 5.16 -11.34
C ALA A 260 17.90 3.89 -11.49
N CYS A 261 18.57 2.80 -11.81
CA CYS A 261 17.99 1.48 -11.73
C CYS A 261 18.17 1.04 -10.28
N PRO A 262 17.09 0.97 -9.51
CA PRO A 262 17.30 0.71 -8.08
C PRO A 262 17.91 -0.66 -7.78
N GLU A 263 17.54 -1.66 -8.58
CA GLU A 263 18.09 -3.02 -8.43
C GLU A 263 19.61 -3.01 -8.57
N GLU A 264 20.07 -2.25 -9.56
CA GLU A 264 21.51 -2.12 -9.80
C GLU A 264 22.23 -1.46 -8.65
N ILE A 265 21.66 -0.38 -8.14
CA ILE A 265 22.31 0.33 -7.05
C ILE A 265 22.38 -0.54 -5.78
N ALA A 266 21.32 -1.28 -5.46
CA ALA A 266 21.36 -2.21 -4.32
C ALA A 266 22.46 -3.27 -4.51
N TYR A 267 22.52 -3.80 -5.72
CA TYR A 267 23.49 -4.81 -6.08
C TYR A 267 24.92 -4.32 -5.85
N ARG A 268 25.19 -3.08 -6.25
CA ARG A 268 26.53 -2.51 -6.16
C ARG A 268 26.87 -2.06 -4.75
N GLN A 269 25.85 -1.73 -3.96
CA GLN A 269 26.08 -1.43 -2.54
C GLN A 269 26.24 -2.71 -1.69
N LYS A 270 26.04 -3.87 -2.31
CA LYS A 270 26.10 -5.19 -1.65
C LYS A 270 24.91 -5.41 -0.72
N TRP A 271 23.80 -4.72 -0.99
CA TRP A 271 22.57 -4.92 -0.22
C TRP A 271 21.80 -6.09 -0.72
N ILE A 272 22.06 -6.50 -1.96
CA ILE A 272 21.55 -7.76 -2.51
C ILE A 272 22.68 -8.46 -3.25
N ASP A 273 22.66 -9.79 -3.28
CA ASP A 273 23.69 -10.59 -3.96
C ASP A 273 23.22 -11.03 -5.33
N ALA A 274 24.09 -11.72 -6.07
CA ALA A 274 23.80 -12.17 -7.45
C ALA A 274 22.57 -13.06 -7.59
N ALA A 275 22.34 -13.95 -6.62
CA ALA A 275 21.16 -14.84 -6.65
C ALA A 275 19.87 -14.03 -6.49
N GLN A 276 19.90 -13.03 -5.61
CA GLN A 276 18.72 -12.20 -5.41
C GLN A 276 18.46 -11.35 -6.66
N LEU A 277 19.51 -10.80 -7.26
CA LEU A 277 19.34 -10.01 -8.47
C LEU A 277 18.83 -10.89 -9.62
N GLU A 278 19.30 -12.14 -9.69
CA GLU A 278 18.83 -13.07 -10.72
C GLU A 278 17.31 -13.28 -10.60
N LYS A 279 16.82 -13.51 -9.38
CA LYS A 279 15.37 -13.65 -9.13
C LYS A 279 14.57 -12.41 -9.54
N LEU A 280 15.10 -11.22 -9.27
CA LEU A 280 14.45 -9.95 -9.69
C LEU A 280 14.37 -9.83 -11.22
N ALA A 281 15.38 -10.35 -11.91
CA ALA A 281 15.41 -10.34 -13.38
C ALA A 281 14.33 -11.24 -14.02
N ALA A 282 14.01 -12.36 -13.38
CA ALA A 282 13.09 -13.36 -13.97
C ALA A 282 11.76 -12.78 -14.54
N PRO A 283 10.90 -12.19 -13.68
CA PRO A 283 9.62 -11.62 -14.17
C PRO A 283 9.72 -10.68 -15.37
N LEU A 284 10.83 -9.97 -15.54
CA LEU A 284 10.98 -9.04 -16.66
C LEU A 284 11.96 -9.56 -17.74
N ALA A 285 12.20 -10.88 -17.77
CA ALA A 285 13.21 -11.46 -18.67
C ALA A 285 12.94 -11.21 -20.15
N LYS A 286 11.68 -11.03 -20.52
CA LYS A 286 11.32 -10.80 -21.91
C LYS A 286 11.41 -9.32 -22.32
N ASN A 287 11.58 -8.39 -21.37
CA ASN A 287 11.76 -6.98 -21.77
C ASN A 287 13.18 -6.48 -21.50
N GLY A 288 13.48 -5.27 -21.95
CA GLY A 288 14.83 -4.73 -21.86
C GLY A 288 15.30 -4.52 -20.43
N TYR A 289 14.36 -4.25 -19.53
CA TYR A 289 14.71 -3.99 -18.14
C TYR A 289 15.22 -5.27 -17.46
N GLY A 290 14.45 -6.35 -17.57
CA GLY A 290 14.92 -7.62 -17.01
C GLY A 290 16.19 -8.13 -17.67
N GLN A 291 16.35 -7.86 -18.97
CA GLN A 291 17.56 -8.27 -19.68
C GLN A 291 18.75 -7.47 -19.19
N TYR A 292 18.51 -6.21 -18.82
CA TYR A 292 19.56 -5.37 -18.24
C TYR A 292 20.01 -5.90 -16.89
N LEU A 293 19.06 -6.24 -16.03
CA LEU A 293 19.39 -6.82 -14.72
C LEU A 293 20.22 -8.11 -14.82
N LYS A 294 19.91 -8.93 -15.82
CA LYS A 294 20.65 -10.16 -16.06
C LYS A 294 22.10 -9.88 -16.52
N ARG A 295 22.28 -8.85 -17.36
CA ARG A 295 23.62 -8.50 -17.83
C ARG A 295 24.51 -7.98 -16.71
N LEU A 296 23.93 -7.42 -15.66
CA LEU A 296 24.69 -6.97 -14.48
C LEU A 296 25.39 -8.12 -13.72
N LEU A 297 24.90 -9.34 -13.88
CA LEU A 297 25.46 -10.51 -13.16
C LEU A 297 26.84 -10.91 -13.66
N THR A 298 27.10 -10.72 -14.95
CA THR A 298 28.34 -11.20 -15.55
C THR A 298 29.30 -10.13 -16.04
N GLU A 299 28.82 -8.90 -16.24
CA GLU A 299 29.69 -7.83 -16.74
C GLU A 299 30.38 -7.07 -15.61
N THR A 300 31.64 -6.73 -15.81
CA THR A 300 32.33 -5.81 -14.91
C THR A 300 32.13 -4.40 -15.43
N VAL A 301 31.52 -3.54 -14.63
CA VAL A 301 31.25 -2.14 -15.02
C VAL A 301 31.98 -1.23 -14.06
N TYR A 302 32.94 -0.45 -14.55
CA TYR A 302 33.75 0.40 -13.69
C TYR A 302 33.06 1.71 -13.35
N LYS B 11 28.41 -7.87 34.81
CA LYS B 11 27.29 -7.32 33.98
C LYS B 11 26.84 -8.35 32.94
N ARG B 12 25.53 -8.54 32.85
CA ARG B 12 24.94 -9.42 31.84
C ARG B 12 24.02 -8.59 30.95
N LYS B 13 24.26 -8.66 29.65
CA LYS B 13 23.44 -7.97 28.67
C LYS B 13 22.35 -8.90 28.19
N GLY B 14 21.22 -8.35 27.79
CA GLY B 14 20.12 -9.14 27.23
C GLY B 14 19.90 -9.00 25.74
N ILE B 15 19.51 -10.11 25.10
CA ILE B 15 19.10 -10.10 23.68
C ILE B 15 17.71 -10.69 23.54
N ILE B 16 16.80 -9.97 22.90
CA ILE B 16 15.53 -10.55 22.51
C ILE B 16 15.57 -10.79 21.01
N LEU B 17 15.34 -12.04 20.59
CA LEU B 17 15.25 -12.38 19.19
C LEU B 17 13.79 -12.48 18.79
N ALA B 18 13.28 -11.42 18.20
CA ALA B 18 11.92 -11.38 17.67
C ALA B 18 11.98 -11.66 16.17
N GLY B 19 12.31 -12.89 15.81
CA GLY B 19 12.64 -13.25 14.44
C GLY B 19 11.43 -13.38 13.55
N GLY B 20 11.69 -13.44 12.24
CA GLY B 20 10.64 -13.50 11.24
C GLY B 20 9.93 -14.83 11.27
N SER B 21 8.61 -14.82 11.08
CA SER B 21 7.81 -16.04 11.00
C SER B 21 7.36 -16.27 9.56
N GLY B 22 8.07 -15.65 8.62
CA GLY B 22 7.70 -15.66 7.21
C GLY B 22 6.23 -15.39 6.99
N THR B 23 5.52 -16.42 6.53
CA THR B 23 4.12 -16.34 6.16
C THR B 23 3.24 -17.27 7.03
N ARG B 24 3.78 -17.82 8.11
CA ARG B 24 3.08 -18.86 8.87
C ARG B 24 1.86 -18.34 9.64
N LEU B 25 1.82 -17.04 9.95
CA LEU B 25 0.72 -16.44 10.70
C LEU B 25 -0.11 -15.48 9.84
N HIS B 26 0.13 -15.52 8.53
CA HIS B 26 -0.64 -14.72 7.58
C HIS B 26 -2.08 -15.17 7.62
N PRO B 27 -3.02 -14.27 7.25
CA PRO B 27 -2.81 -12.85 6.95
C PRO B 27 -2.74 -11.97 8.22
N ALA B 28 -2.83 -12.58 9.40
CA ALA B 28 -2.78 -11.83 10.66
C ALA B 28 -1.52 -10.97 10.74
N THR B 29 -0.39 -11.54 10.33
CA THR B 29 0.89 -10.82 10.34
C THR B 29 1.22 -10.01 9.07
N LEU B 30 0.29 -9.88 8.14
CA LEU B 30 0.42 -8.89 7.06
C LEU B 30 0.06 -7.51 7.62
N ALA B 31 -0.85 -7.49 8.60
CA ALA B 31 -1.30 -6.24 9.23
C ALA B 31 -0.33 -5.72 10.29
N ILE B 32 0.44 -6.63 10.91
CA ILE B 32 1.21 -6.30 12.10
C ILE B 32 2.33 -7.32 12.35
N SER B 33 3.45 -6.83 12.89
CA SER B 33 4.58 -7.68 13.29
C SER B 33 4.16 -8.74 14.33
N LYS B 34 4.63 -9.97 14.16
CA LYS B 34 4.24 -11.07 15.03
C LYS B 34 4.34 -10.75 16.53
N GLN B 35 5.46 -10.17 16.95
CA GLN B 35 5.71 -9.96 18.37
C GLN B 35 5.11 -8.62 18.85
N LEU B 36 4.40 -7.95 17.94
CA LEU B 36 3.48 -6.88 18.33
C LEU B 36 2.03 -7.33 18.47
N LEU B 37 1.73 -8.58 18.12
CA LEU B 37 0.37 -9.10 18.36
C LEU B 37 0.15 -9.14 19.87
N PRO B 38 -1.07 -8.79 20.31
CA PRO B 38 -1.27 -8.77 21.74
C PRO B 38 -1.45 -10.17 22.30
N VAL B 39 -0.93 -10.40 23.51
CA VAL B 39 -1.31 -11.56 24.31
C VAL B 39 -2.20 -11.00 25.43
N TYR B 40 -3.50 -11.19 25.24
CA TYR B 40 -4.58 -10.58 26.00
C TYR B 40 -4.62 -9.06 25.90
N ASP B 41 -3.82 -8.39 26.71
CA ASP B 41 -3.92 -6.97 26.91
C ASP B 41 -2.62 -6.21 26.63
N LYS B 42 -1.58 -6.90 26.18
CA LYS B 42 -0.30 -6.24 25.91
C LYS B 42 0.45 -6.95 24.79
N PRO B 43 1.35 -6.24 24.10
CA PRO B 43 2.06 -6.84 22.98
C PRO B 43 2.93 -8.01 23.42
N MET B 44 2.98 -9.05 22.61
CA MET B 44 3.80 -10.23 22.86
C MET B 44 5.20 -9.90 23.42
N ILE B 45 5.86 -8.91 22.85
CA ILE B 45 7.24 -8.63 23.25
C ILE B 45 7.42 -8.15 24.71
N TYR B 46 6.36 -7.63 25.32
CA TYR B 46 6.39 -7.26 26.75
C TYR B 46 6.72 -8.43 27.67
N TYR B 47 6.30 -9.64 27.28
CA TYR B 47 6.52 -10.82 28.11
C TYR B 47 8.00 -11.24 28.17
N PRO B 48 8.66 -11.40 27.02
CA PRO B 48 10.11 -11.63 27.08
C PRO B 48 10.93 -10.44 27.61
N LEU B 49 10.56 -9.22 27.24
CA LEU B 49 11.20 -8.03 27.82
C LEU B 49 11.10 -8.08 29.35
N SER B 50 9.90 -8.33 29.86
CA SER B 50 9.67 -8.44 31.32
C SER B 50 10.52 -9.50 31.99
N THR B 51 10.75 -10.60 31.25
CA THR B 51 11.53 -11.72 31.74
C THR B 51 12.98 -11.31 31.96
N LEU B 52 13.56 -10.68 30.96
CA LEU B 52 14.93 -10.17 31.07
C LEU B 52 15.02 -9.17 32.22
N MET B 53 14.00 -8.31 32.33
CA MET B 53 13.94 -7.31 33.40
C MET B 53 13.86 -7.96 34.78
N LEU B 54 13.08 -9.04 34.91
CA LEU B 54 12.98 -9.78 36.17
C LEU B 54 14.30 -10.46 36.50
N ALA B 55 15.09 -10.76 35.49
CA ALA B 55 16.43 -11.29 35.68
C ALA B 55 17.45 -10.22 36.07
N GLY B 56 17.02 -8.96 36.12
CA GLY B 56 17.91 -7.85 36.49
C GLY B 56 18.69 -7.27 35.31
N ILE B 57 18.25 -7.57 34.09
CA ILE B 57 18.93 -7.09 32.88
C ILE B 57 18.29 -5.80 32.35
N ARG B 58 19.11 -4.75 32.25
CA ARG B 58 18.65 -3.42 31.82
C ARG B 58 19.11 -3.09 30.41
N GLU B 59 20.23 -3.66 29.98
CA GLU B 59 20.81 -3.39 28.68
C GLU B 59 20.45 -4.51 27.70
N ILE B 60 19.57 -4.18 26.76
CA ILE B 60 18.88 -5.19 25.95
C ILE B 60 18.91 -4.87 24.45
N LEU B 61 19.42 -5.83 23.66
CA LEU B 61 19.36 -5.75 22.22
C LEU B 61 18.11 -6.45 21.65
N ILE B 62 17.26 -5.70 20.94
CA ILE B 62 16.11 -6.30 20.25
C ILE B 62 16.47 -6.52 18.78
N ILE B 63 16.48 -7.78 18.37
CA ILE B 63 16.81 -8.18 17.01
C ILE B 63 15.54 -8.66 16.31
N SER B 64 15.25 -8.12 15.15
CA SER B 64 14.12 -8.56 14.36
C SER B 64 14.41 -8.43 12.86
N THR B 65 13.35 -8.57 12.04
CA THR B 65 13.48 -8.49 10.60
C THR B 65 13.74 -7.03 10.19
N PRO B 66 14.17 -6.79 8.95
CA PRO B 66 14.33 -5.39 8.52
C PRO B 66 13.00 -4.61 8.56
N GLN B 67 11.90 -5.28 8.29
CA GLN B 67 10.58 -4.66 8.33
C GLN B 67 10.10 -4.36 9.74
N ASP B 68 10.39 -5.25 10.69
CA ASP B 68 9.81 -5.15 12.03
C ASP B 68 10.66 -4.38 13.01
N THR B 69 11.97 -4.43 12.86
CA THR B 69 12.84 -3.76 13.81
C THR B 69 12.42 -2.30 14.00
N PRO B 70 12.18 -1.57 12.90
CA PRO B 70 11.74 -0.19 13.12
C PRO B 70 10.40 -0.07 13.85
N ARG B 71 9.52 -1.06 13.72
CA ARG B 71 8.24 -1.04 14.43
C ARG B 71 8.46 -1.22 15.94
N PHE B 72 9.36 -2.12 16.30
CA PHE B 72 9.74 -2.24 17.71
C PHE B 72 10.35 -0.93 18.24
N GLN B 73 11.23 -0.32 17.43
CA GLN B 73 11.89 0.92 17.84
C GLN B 73 10.87 2.04 18.02
N GLN B 74 9.90 2.10 17.12
CA GLN B 74 8.84 3.10 17.20
C GLN B 74 7.95 2.85 18.44
N LEU B 75 7.79 1.59 18.82
CA LEU B 75 6.99 1.23 20.00
C LEU B 75 7.73 1.62 21.26
N LEU B 76 8.95 1.08 21.39
CA LEU B 76 9.68 1.04 22.66
C LEU B 76 10.76 2.13 22.83
N GLY B 77 11.26 2.67 21.73
CA GLY B 77 12.30 3.69 21.77
C GLY B 77 13.56 3.14 22.38
N ASP B 78 14.31 4.00 23.06
CA ASP B 78 15.54 3.58 23.72
C ASP B 78 15.33 3.01 25.13
N GLY B 79 14.09 2.99 25.62
CA GLY B 79 13.79 2.40 26.93
C GLY B 79 14.00 3.28 28.16
N SER B 80 14.43 4.53 27.96
CA SER B 80 14.71 5.45 29.06
C SER B 80 13.52 5.65 29.98
N ASN B 81 12.32 5.70 29.40
CA ASN B 81 11.09 5.84 30.17
C ASN B 81 10.90 4.76 31.24
N TRP B 82 11.47 3.58 31.01
CA TRP B 82 11.35 2.47 31.98
C TRP B 82 12.66 2.12 32.62
N GLY B 83 13.62 3.04 32.59
CA GLY B 83 14.93 2.81 33.20
C GLY B 83 15.76 1.78 32.47
N LEU B 84 15.50 1.61 31.17
CA LEU B 84 16.24 0.63 30.38
C LEU B 84 17.21 1.30 29.40
N ASP B 85 18.08 0.47 28.82
CA ASP B 85 18.97 0.87 27.74
C ASP B 85 18.73 -0.12 26.60
N LEU B 86 17.78 0.22 25.71
CA LEU B 86 17.40 -0.66 24.59
C LEU B 86 18.15 -0.27 23.31
N GLN B 87 18.63 -1.26 22.58
CA GLN B 87 19.24 -1.08 21.27
C GLN B 87 18.63 -2.10 20.28
N TYR B 88 18.83 -1.84 18.99
CA TYR B 88 18.18 -2.60 17.93
C TYR B 88 19.15 -3.03 16.85
N ALA B 89 18.95 -4.23 16.34
CA ALA B 89 19.73 -4.74 15.22
C ALA B 89 18.82 -5.62 14.36
N VAL B 90 19.23 -5.81 13.11
CA VAL B 90 18.40 -6.46 12.13
C VAL B 90 18.92 -7.87 11.86
N GLN B 91 18.01 -8.83 11.64
CA GLN B 91 18.39 -10.13 11.09
C GLN B 91 17.85 -10.18 9.65
N PRO B 92 18.77 -10.14 8.64
CA PRO B 92 18.39 -10.11 7.22
C PRO B 92 17.53 -11.29 6.80
N SER B 93 17.89 -12.48 7.25
CA SER B 93 17.22 -13.69 6.85
C SER B 93 17.13 -14.65 8.03
N PRO B 94 15.94 -15.25 8.25
CA PRO B 94 15.79 -16.19 9.37
C PRO B 94 16.65 -17.44 9.18
N ASP B 95 17.96 -17.30 9.42
CA ASP B 95 18.91 -18.39 9.20
C ASP B 95 19.45 -18.95 10.53
N GLY B 96 18.60 -19.01 11.55
CA GLY B 96 18.96 -19.64 12.80
C GLY B 96 19.09 -18.70 13.99
N LEU B 97 18.71 -19.23 15.15
CA LEU B 97 18.73 -18.48 16.40
C LEU B 97 20.16 -18.09 16.84
N ALA B 98 21.14 -18.91 16.46
CA ALA B 98 22.56 -18.70 16.83
C ALA B 98 23.14 -17.45 16.21
N GLN B 99 22.57 -17.02 15.08
CA GLN B 99 22.97 -15.76 14.45
C GLN B 99 22.81 -14.55 15.35
N ALA B 100 21.91 -14.64 16.34
CA ALA B 100 21.74 -13.55 17.29
C ALA B 100 23.08 -13.13 17.90
N PHE B 101 23.97 -14.09 18.09
CA PHE B 101 25.28 -13.81 18.70
C PHE B 101 26.30 -13.19 17.75
N LEU B 102 26.16 -13.45 16.45
CA LEU B 102 26.99 -12.82 15.43
C LEU B 102 26.54 -11.38 15.20
N ILE B 103 25.25 -11.24 14.91
CA ILE B 103 24.59 -9.94 14.79
C ILE B 103 24.86 -9.08 16.02
N GLY B 104 24.86 -9.72 17.20
CA GLY B 104 24.97 -9.01 18.48
C GLY B 104 26.36 -9.00 19.10
N GLU B 105 27.39 -9.30 18.30
CA GLU B 105 28.75 -9.37 18.83
C GLU B 105 29.26 -8.05 19.45
N SER B 106 29.13 -6.93 18.76
CA SER B 106 29.64 -5.67 19.33
C SER B 106 28.85 -5.26 20.56
N PHE B 107 27.53 -5.48 20.54
CA PHE B 107 26.67 -5.24 21.70
C PHE B 107 27.14 -6.02 22.92
N ILE B 108 27.42 -7.31 22.74
CA ILE B 108 27.84 -8.17 23.83
C ILE B 108 29.21 -7.76 24.38
N GLY B 109 30.10 -7.34 23.47
CA GLY B 109 31.46 -6.98 23.85
C GLY B 109 32.11 -8.11 24.62
N ASN B 110 32.66 -7.79 25.79
CA ASN B 110 33.32 -8.79 26.63
C ASN B 110 32.44 -9.19 27.83
N ASP B 111 31.12 -8.96 27.73
CA ASP B 111 30.23 -9.20 28.87
C ASP B 111 29.51 -10.54 28.77
N LEU B 112 28.93 -10.96 29.88
CA LEU B 112 28.03 -12.10 29.93
C LEU B 112 26.71 -11.69 29.26
N SER B 113 25.90 -12.66 28.86
CA SER B 113 24.66 -12.33 28.17
C SER B 113 23.55 -13.31 28.48
N ALA B 114 22.35 -12.93 28.05
CA ALA B 114 21.18 -13.78 28.14
C ALA B 114 20.38 -13.60 26.86
N LEU B 115 19.88 -14.70 26.30
CA LEU B 115 19.07 -14.65 25.10
C LEU B 115 17.67 -15.18 25.41
N VAL B 116 16.65 -14.44 24.96
CA VAL B 116 15.26 -14.84 25.14
C VAL B 116 14.53 -14.73 23.80
N LEU B 117 13.67 -15.69 23.50
CA LEU B 117 12.94 -15.72 22.24
C LEU B 117 11.68 -14.89 22.39
N GLY B 118 11.33 -14.16 21.34
CA GLY B 118 10.24 -13.17 21.35
C GLY B 118 8.83 -13.66 21.59
N ASP B 119 8.60 -14.97 21.44
CA ASP B 119 7.27 -15.52 21.53
C ASP B 119 7.19 -16.58 22.65
N ASN B 120 8.05 -16.45 23.64
CA ASN B 120 8.06 -17.34 24.79
C ASN B 120 7.49 -16.59 25.98
N LEU B 121 6.56 -17.25 26.68
CA LEU B 121 5.89 -16.70 27.86
C LEU B 121 6.15 -17.57 29.07
N TYR B 122 6.48 -16.92 30.18
CA TYR B 122 6.78 -17.61 31.44
C TYR B 122 5.91 -17.06 32.56
N TYR B 123 5.54 -17.95 33.48
CA TYR B 123 4.83 -17.54 34.67
C TYR B 123 5.09 -18.51 35.81
N GLY B 124 5.37 -17.97 36.99
CA GLY B 124 5.28 -18.76 38.20
C GLY B 124 5.90 -18.20 39.45
N HIS B 125 5.76 -18.95 40.53
CA HIS B 125 6.22 -18.51 41.82
C HIS B 125 7.72 -18.65 41.92
N ASP B 126 8.34 -17.61 42.46
CA ASP B 126 9.79 -17.49 42.56
C ASP B 126 10.51 -17.57 41.21
N PHE B 127 9.84 -17.11 40.15
CA PHE B 127 10.47 -17.07 38.81
C PHE B 127 11.69 -16.17 38.89
N HIS B 128 11.57 -15.11 39.69
CA HIS B 128 12.67 -14.19 40.01
C HIS B 128 13.90 -14.90 40.51
N GLU B 129 13.72 -15.82 41.46
CA GLU B 129 14.84 -16.55 42.07
C GLU B 129 15.43 -17.59 41.12
N LEU B 130 14.58 -18.24 40.31
CA LEU B 130 15.08 -19.11 39.25
C LEU B 130 15.97 -18.35 38.25
N LEU B 131 15.56 -17.16 37.87
CA LEU B 131 16.34 -16.34 36.95
C LEU B 131 17.65 -15.86 37.61
N GLY B 132 17.55 -15.37 38.84
CA GLY B 132 18.70 -14.91 39.62
C GLY B 132 19.80 -15.96 39.76
N SER B 133 19.39 -17.21 39.98
CA SER B 133 20.35 -18.31 40.08
C SER B 133 21.13 -18.48 38.79
N ALA B 134 20.42 -18.61 37.69
CA ALA B 134 21.07 -18.76 36.40
C ALA B 134 22.00 -17.58 36.11
N SER B 135 21.54 -16.38 36.47
CA SER B 135 22.19 -15.14 36.08
C SER B 135 23.52 -14.89 36.80
N GLN B 136 23.58 -15.24 38.09
CA GLN B 136 24.77 -15.02 38.91
C GLN B 136 25.90 -16.01 38.64
N ARG B 137 25.61 -17.16 38.02
CA ARG B 137 26.66 -18.10 37.62
C ARG B 137 27.38 -17.51 36.42
N GLN B 138 28.62 -17.07 36.63
CA GLN B 138 29.35 -16.28 35.65
C GLN B 138 30.31 -17.09 34.77
N THR B 139 30.14 -18.40 34.78
CA THR B 139 30.95 -19.27 33.95
C THR B 139 30.03 -20.28 33.29
N GLY B 140 30.38 -20.67 32.06
CA GLY B 140 29.58 -21.63 31.32
C GLY B 140 28.24 -21.06 30.95
N ALA B 141 27.29 -21.95 30.70
CA ALA B 141 25.95 -21.57 30.26
C ALA B 141 24.88 -22.26 31.09
N SER B 142 23.71 -21.64 31.12
CA SER B 142 22.57 -22.18 31.84
C SER B 142 21.30 -22.15 30.99
N VAL B 143 20.65 -23.30 30.89
CA VAL B 143 19.36 -23.43 30.26
C VAL B 143 18.38 -24.11 31.22
N PHE B 144 17.11 -24.12 30.80
CA PHE B 144 16.04 -24.71 31.57
C PHE B 144 15.34 -25.79 30.74
N ALA B 145 15.05 -26.92 31.38
CA ALA B 145 14.26 -28.00 30.78
C ALA B 145 12.89 -28.07 31.43
N TYR B 146 11.87 -28.27 30.60
CA TYR B 146 10.48 -28.28 31.01
C TYR B 146 9.82 -29.48 30.39
N HIS B 147 9.09 -30.25 31.19
CA HIS B 147 8.38 -31.39 30.70
C HIS B 147 7.26 -30.92 29.79
N VAL B 148 7.23 -31.43 28.55
CA VAL B 148 6.20 -31.09 27.58
C VAL B 148 5.61 -32.35 26.96
N LEU B 149 4.44 -32.18 26.33
CA LEU B 149 3.77 -33.27 25.62
C LEU B 149 4.42 -33.56 24.26
N ASP B 150 4.94 -32.54 23.59
CA ASP B 150 5.40 -32.65 22.20
C ASP B 150 6.90 -32.31 22.06
N PRO B 151 7.77 -33.11 22.69
CA PRO B 151 9.19 -32.74 22.70
C PRO B 151 9.82 -32.58 21.30
N GLU B 152 9.25 -33.26 20.28
CA GLU B 152 9.78 -33.22 18.90
C GLU B 152 9.84 -31.82 18.30
N ARG B 153 9.02 -30.91 18.81
CA ARG B 153 9.05 -29.52 18.34
C ARG B 153 10.21 -28.72 18.90
N TYR B 154 10.97 -29.27 19.85
CA TYR B 154 11.98 -28.49 20.55
C TYR B 154 13.34 -29.16 20.56
N GLY B 155 14.32 -28.42 21.06
CA GLY B 155 15.55 -29.02 21.55
C GLY B 155 15.25 -29.90 22.77
N VAL B 156 15.63 -31.17 22.68
CA VAL B 156 15.31 -32.14 23.70
C VAL B 156 16.55 -32.52 24.49
N VAL B 157 16.43 -32.49 25.82
CA VAL B 157 17.54 -32.85 26.70
C VAL B 157 17.33 -34.23 27.31
N GLU B 158 18.36 -35.07 27.19
CA GLU B 158 18.33 -36.42 27.75
C GLU B 158 19.18 -36.46 29.01
N PHE B 159 18.64 -37.06 30.06
CA PHE B 159 19.31 -37.19 31.36
C PHE B 159 19.66 -38.65 31.61
N ASP B 160 20.76 -38.89 32.32
CA ASP B 160 21.08 -40.24 32.77
C ASP B 160 20.32 -40.55 34.05
N GLN B 161 20.47 -41.77 34.55
CA GLN B 161 19.75 -42.22 35.73
C GLN B 161 19.98 -41.35 36.98
N GLY B 162 21.06 -40.56 36.99
CA GLY B 162 21.34 -39.67 38.12
C GLY B 162 20.97 -38.21 37.89
N GLY B 163 20.24 -37.92 36.80
CA GLY B 163 19.80 -36.55 36.52
C GLY B 163 20.81 -35.62 35.84
N LYS B 164 21.93 -36.16 35.37
CA LYS B 164 22.89 -35.39 34.58
C LYS B 164 22.51 -35.36 33.09
N ALA B 165 22.58 -34.17 32.49
CA ALA B 165 22.31 -34.00 31.07
C ALA B 165 23.42 -34.66 30.24
N ILE B 166 23.04 -35.59 29.35
CA ILE B 166 24.02 -36.31 28.51
C ILE B 166 23.82 -36.17 26.99
N SER B 167 22.67 -35.68 26.52
CA SER B 167 22.54 -35.31 25.10
C SER B 167 21.48 -34.24 24.83
N LEU B 168 21.62 -33.63 23.66
CA LEU B 168 20.76 -32.57 23.17
C LEU B 168 20.50 -32.79 21.68
N GLU B 169 19.24 -32.79 21.29
CA GLU B 169 18.86 -33.01 19.90
C GLU B 169 17.79 -32.02 19.49
N GLU B 170 18.00 -31.37 18.34
CA GLU B 170 17.06 -30.39 17.83
C GLU B 170 15.97 -31.12 17.08
N LYS B 171 14.74 -31.05 17.58
CA LYS B 171 13.58 -31.66 16.91
C LYS B 171 13.84 -33.09 16.46
N PRO B 172 14.15 -33.98 17.40
CA PRO B 172 14.35 -35.37 17.03
C PRO B 172 13.05 -36.05 16.58
N LEU B 173 13.12 -36.84 15.52
CA LEU B 173 12.04 -37.79 15.20
C LEU B 173 11.85 -38.81 16.33
N GLU B 174 12.94 -39.11 17.06
CA GLU B 174 12.91 -40.10 18.14
C GLU B 174 13.36 -39.47 19.49
N PRO B 175 12.50 -38.63 20.11
CA PRO B 175 12.96 -37.93 21.31
C PRO B 175 13.28 -38.88 22.45
N LYS B 176 14.37 -38.61 23.14
CA LYS B 176 14.88 -39.50 24.16
C LYS B 176 14.27 -39.18 25.54
N SER B 177 13.66 -37.99 25.67
CA SER B 177 12.88 -37.63 26.85
C SER B 177 11.71 -36.72 26.44
N ASN B 178 10.90 -36.34 27.44
CA ASN B 178 9.86 -35.35 27.25
C ASN B 178 10.27 -33.97 27.77
N TYR B 179 11.56 -33.74 27.90
CA TYR B 179 12.07 -32.46 28.42
C TYR B 179 12.59 -31.61 27.29
N ALA B 180 11.98 -30.45 27.13
CA ALA B 180 12.34 -29.48 26.11
C ALA B 180 13.18 -28.38 26.75
N VAL B 181 14.13 -27.81 26.02
CA VAL B 181 14.90 -26.65 26.48
C VAL B 181 14.07 -25.42 26.16
N THR B 182 13.76 -24.60 27.16
CA THR B 182 12.88 -23.45 26.97
C THR B 182 13.65 -22.38 26.19
N GLY B 183 12.96 -21.34 25.75
CA GLY B 183 13.59 -20.28 24.94
C GLY B 183 14.26 -19.18 25.74
N LEU B 184 14.98 -19.57 26.80
CA LEU B 184 15.74 -18.63 27.63
C LEU B 184 17.12 -19.21 27.96
N TYR B 185 18.17 -18.48 27.60
CA TYR B 185 19.53 -19.00 27.64
C TYR B 185 20.51 -17.97 28.26
N PHE B 186 21.31 -18.44 29.21
CA PHE B 186 22.31 -17.61 29.85
C PHE B 186 23.68 -18.08 29.41
N TYR B 187 24.56 -17.12 29.07
CA TYR B 187 25.86 -17.40 28.46
C TYR B 187 26.99 -16.57 29.05
N ASP B 188 28.17 -17.18 29.13
CA ASP B 188 29.41 -16.48 29.47
C ASP B 188 30.03 -15.86 28.22
N GLN B 189 31.31 -15.46 28.35
CA GLN B 189 32.01 -14.73 27.29
C GLN B 189 32.42 -15.62 26.12
N GLN B 190 32.23 -16.93 26.24
CA GLN B 190 32.61 -17.86 25.18
C GLN B 190 31.61 -17.94 24.03
N VAL B 191 30.36 -17.52 24.25
CA VAL B 191 29.30 -17.83 23.26
C VAL B 191 29.53 -17.22 21.88
N VAL B 192 30.10 -16.02 21.81
CA VAL B 192 30.31 -15.38 20.50
C VAL B 192 31.29 -16.19 19.63
N ASP B 193 32.42 -16.60 20.20
CA ASP B 193 33.40 -17.42 19.47
C ASP B 193 32.90 -18.82 19.13
N ILE B 194 32.03 -19.37 19.98
CA ILE B 194 31.39 -20.65 19.66
C ILE B 194 30.44 -20.46 18.47
N ALA B 195 29.69 -19.36 18.46
CA ALA B 195 28.78 -19.06 17.36
C ALA B 195 29.55 -18.89 16.04
N ARG B 196 30.67 -18.17 16.09
CA ARG B 196 31.54 -17.96 14.91
C ARG B 196 32.10 -19.26 14.30
N ASP B 197 32.37 -20.25 15.16
CA ASP B 197 32.92 -21.53 14.69
C ASP B 197 31.86 -22.58 14.39
N LEU B 198 30.59 -22.16 14.39
CA LEU B 198 29.48 -23.06 14.02
C LEU B 198 29.29 -23.08 12.51
N LYS B 199 29.05 -24.28 11.99
CA LYS B 199 28.71 -24.45 10.57
C LYS B 199 27.20 -24.74 10.45
N PRO B 200 26.56 -24.29 9.36
CA PRO B 200 25.11 -24.53 9.21
C PRO B 200 24.73 -26.00 9.29
N SER B 201 23.57 -26.29 9.87
CA SER B 201 23.14 -27.66 10.16
C SER B 201 22.64 -28.38 8.92
N GLY B 204 20.10 -25.92 6.99
CA GLY B 204 20.83 -24.69 6.68
C GLY B 204 20.60 -23.58 7.69
N GLU B 205 20.71 -23.91 8.97
CA GLU B 205 20.50 -22.94 10.05
C GLU B 205 21.59 -23.00 11.14
N LEU B 206 21.98 -21.83 11.65
CA LEU B 206 22.84 -21.75 12.82
C LEU B 206 22.00 -22.05 14.05
N GLU B 207 22.13 -23.27 14.56
CA GLU B 207 21.28 -23.79 15.63
C GLU B 207 21.74 -23.35 17.01
N ILE B 208 20.79 -22.90 17.83
CA ILE B 208 21.05 -22.64 19.25
C ILE B 208 21.37 -23.95 20.01
N THR B 209 20.75 -25.07 19.62
CA THR B 209 21.08 -26.39 20.20
C THR B 209 22.56 -26.77 19.96
N ASP B 210 23.12 -26.33 18.85
CA ASP B 210 24.53 -26.53 18.56
C ASP B 210 25.41 -25.69 19.49
N VAL B 211 24.98 -24.48 19.82
CA VAL B 211 25.70 -23.66 20.81
C VAL B 211 25.65 -24.38 22.16
N ASN B 212 24.46 -24.85 22.55
CA ASN B 212 24.27 -25.50 23.85
C ASN B 212 25.01 -26.85 23.98
N ARG B 213 25.09 -27.60 22.88
CA ARG B 213 25.89 -28.82 22.86
C ARG B 213 27.39 -28.54 22.98
N ALA B 214 27.84 -27.42 22.43
CA ALA B 214 29.24 -27.02 22.56
C ALA B 214 29.60 -26.79 24.02
N TYR B 215 28.73 -26.12 24.77
CA TYR B 215 28.93 -25.97 26.23
C TYR B 215 28.83 -27.31 26.96
N LEU B 216 27.85 -28.13 26.58
CA LEU B 216 27.66 -29.46 27.21
C LEU B 216 28.89 -30.37 27.05
N GLU B 217 29.37 -30.49 25.81
CA GLU B 217 30.57 -31.29 25.52
C GLU B 217 31.80 -30.80 26.30
N ARG B 218 31.82 -29.53 26.68
CA ARG B 218 32.87 -28.99 27.56
C ARG B 218 32.51 -29.10 29.04
N GLY B 219 31.37 -29.71 29.35
CA GLY B 219 30.91 -29.84 30.73
C GLY B 219 30.62 -28.52 31.40
N GLN B 220 30.24 -27.52 30.61
CA GLN B 220 29.93 -26.18 31.12
C GLN B 220 28.46 -25.74 30.91
N LEU B 221 27.58 -26.71 30.64
CA LEU B 221 26.15 -26.46 30.48
C LEU B 221 25.43 -26.90 31.75
N SER B 222 24.86 -25.94 32.46
CA SER B 222 23.91 -26.25 33.52
C SER B 222 22.51 -26.30 32.93
N VAL B 223 21.85 -27.44 33.11
CA VAL B 223 20.47 -27.65 32.71
C VAL B 223 19.63 -27.77 33.99
N GLU B 224 18.97 -26.67 34.38
CA GLU B 224 18.10 -26.67 35.57
C GLU B 224 16.68 -27.05 35.15
N ILE B 225 15.97 -27.79 36.00
CA ILE B 225 14.58 -28.12 35.75
C ILE B 225 13.70 -26.89 36.05
N MET B 226 12.85 -26.54 35.08
CA MET B 226 11.75 -25.61 35.30
C MET B 226 10.55 -26.50 35.59
N GLY B 227 10.16 -26.54 36.85
CA GLY B 227 9.16 -27.50 37.30
C GLY B 227 7.76 -27.29 36.75
N ARG B 228 6.93 -28.31 36.90
CA ARG B 228 5.54 -28.29 36.44
C ARG B 228 4.65 -27.21 37.09
N GLY B 229 5.12 -26.62 38.17
CA GLY B 229 4.45 -25.49 38.80
C GLY B 229 4.67 -24.17 38.10
N TYR B 230 5.60 -24.14 37.14
CA TYR B 230 5.72 -23.00 36.22
C TYR B 230 4.93 -23.24 34.96
N ALA B 231 4.40 -22.15 34.38
CA ALA B 231 3.80 -22.16 33.07
C ALA B 231 4.82 -21.63 32.08
N TRP B 232 5.14 -22.44 31.07
CA TRP B 232 5.94 -22.02 29.91
C TRP B 232 5.09 -22.24 28.69
N LEU B 233 4.73 -21.15 28.02
CA LEU B 233 3.88 -21.22 26.83
C LEU B 233 4.61 -20.54 25.68
N ASP B 234 4.46 -21.05 24.46
CA ASP B 234 4.90 -20.25 23.31
C ASP B 234 3.70 -19.85 22.46
N THR B 235 3.84 -18.71 21.82
CA THR B 235 2.73 -18.01 21.23
C THR B 235 3.03 -17.85 19.77
N GLY B 236 3.45 -18.95 19.14
CA GLY B 236 3.86 -18.95 17.74
C GLY B 236 2.81 -19.31 16.70
N THR B 237 1.71 -19.94 17.14
CA THR B 237 0.59 -20.24 16.25
C THR B 237 -0.68 -19.49 16.71
N HIS B 238 -1.69 -19.46 15.84
CA HIS B 238 -2.95 -18.80 16.16
C HIS B 238 -3.61 -19.45 17.35
N ASP B 239 -3.54 -20.77 17.39
CA ASP B 239 -4.15 -21.52 18.48
C ASP B 239 -3.42 -21.31 19.80
N SER B 240 -2.09 -21.36 19.79
CA SER B 240 -1.32 -21.19 21.02
C SER B 240 -1.37 -19.73 21.51
N LEU B 241 -1.41 -18.78 20.59
CA LEU B 241 -1.56 -17.37 20.95
C LEU B 241 -2.91 -17.15 21.68
N LEU B 242 -3.96 -17.71 21.14
CA LEU B 242 -5.28 -17.67 21.76
C LEU B 242 -5.32 -18.33 23.14
N GLU B 243 -4.64 -19.48 23.29
CA GLU B 243 -4.56 -20.16 24.59
C GLU B 243 -3.75 -19.33 25.60
N ALA B 244 -2.67 -18.72 25.14
CA ALA B 244 -1.85 -17.88 26.03
C ALA B 244 -2.68 -16.68 26.52
N GLY B 245 -3.44 -16.07 25.63
CA GLY B 245 -4.31 -14.93 25.97
C GLY B 245 -5.35 -15.26 27.05
N GLN B 246 -6.02 -16.40 26.90
CA GLN B 246 -7.03 -16.84 27.87
CA GLN B 246 -7.02 -16.84 27.86
C GLN B 246 -6.39 -17.17 29.21
N PHE B 247 -5.20 -17.74 29.14
CA PHE B 247 -4.42 -18.07 30.31
C PHE B 247 -4.07 -16.83 31.12
N ILE B 248 -3.49 -15.81 30.46
CA ILE B 248 -3.16 -14.55 31.11
C ILE B 248 -4.40 -13.79 31.61
N ALA B 249 -5.47 -13.76 30.82
CA ALA B 249 -6.71 -13.10 31.23
C ALA B 249 -7.33 -13.71 32.50
N THR B 250 -7.34 -15.04 32.59
CA THR B 250 -7.82 -15.76 33.79
C THR B 250 -7.07 -15.36 35.06
N LEU B 251 -5.74 -15.28 34.97
CA LEU B 251 -4.90 -14.88 36.10
C LEU B 251 -5.08 -13.40 36.46
N GLU B 252 -5.04 -12.51 35.47
CA GLU B 252 -5.17 -11.08 35.71
C GLU B 252 -6.56 -10.67 36.22
N ASN B 253 -7.62 -11.24 35.67
CA ASN B 253 -8.97 -10.93 36.15
C ASN B 253 -9.24 -11.48 37.55
N ARG B 254 -8.62 -12.61 37.87
CA ARG B 254 -8.70 -13.18 39.20
C ARG B 254 -7.99 -12.31 40.23
N GLN B 255 -6.78 -11.87 39.90
CA GLN B 255 -5.89 -11.26 40.87
C GLN B 255 -6.06 -9.76 41.01
N GLY B 256 -6.48 -9.11 39.92
CA GLY B 256 -6.46 -7.66 39.80
C GLY B 256 -5.02 -7.21 39.74
N LEU B 257 -4.17 -8.07 39.17
CA LEU B 257 -2.74 -7.80 39.01
C LEU B 257 -2.35 -8.23 37.61
N LYS B 258 -1.36 -7.58 37.02
CA LYS B 258 -0.95 -7.90 35.69
C LYS B 258 0.27 -8.83 35.69
N VAL B 259 0.36 -9.64 34.64
CA VAL B 259 1.54 -10.44 34.35
C VAL B 259 2.41 -9.73 33.30
N ALA B 260 3.70 -9.59 33.61
CA ALA B 260 4.67 -9.01 32.66
C ALA B 260 4.34 -7.57 32.25
N CYS B 261 4.01 -6.73 33.22
CA CYS B 261 3.84 -5.30 32.97
C CYS B 261 5.21 -4.67 33.21
N PRO B 262 5.88 -4.22 32.15
CA PRO B 262 7.27 -3.79 32.28
C PRO B 262 7.46 -2.56 33.18
N GLU B 263 6.47 -1.67 33.19
CA GLU B 263 6.53 -0.48 34.03
C GLU B 263 6.53 -0.91 35.49
N GLU B 264 5.70 -1.89 35.80
CA GLU B 264 5.65 -2.43 37.15
C GLU B 264 6.99 -3.03 37.52
N ILE B 265 7.54 -3.88 36.66
CA ILE B 265 8.79 -4.56 37.01
C ILE B 265 9.91 -3.53 37.19
N ALA B 266 9.93 -2.52 36.33
CA ALA B 266 10.89 -1.42 36.48
C ALA B 266 10.72 -0.73 37.84
N TYR B 267 9.48 -0.38 38.19
CA TYR B 267 9.18 0.28 39.47
C TYR B 267 9.64 -0.56 40.66
N ARG B 268 9.34 -1.85 40.63
CA ARG B 268 9.71 -2.78 41.70
C ARG B 268 11.19 -3.07 41.74
N GLN B 269 11.86 -3.01 40.59
CA GLN B 269 13.31 -3.12 40.56
C GLN B 269 14.05 -1.81 40.96
N LYS B 270 13.30 -0.74 41.21
CA LYS B 270 13.83 0.58 41.59
C LYS B 270 14.55 1.28 40.42
N TRP B 271 14.21 0.91 39.19
CA TRP B 271 14.81 1.54 38.00
C TRP B 271 14.10 2.79 37.58
N ILE B 272 12.82 2.91 37.94
CA ILE B 272 12.09 4.16 37.87
C ILE B 272 11.45 4.37 39.25
N ASP B 273 11.16 5.62 39.60
CA ASP B 273 10.54 5.90 40.91
C ASP B 273 9.09 6.31 40.77
N ALA B 274 8.45 6.58 41.91
CA ALA B 274 7.04 7.01 41.95
C ALA B 274 6.74 8.18 41.03
N ALA B 275 7.58 9.21 41.05
CA ALA B 275 7.38 10.36 40.17
C ALA B 275 7.34 9.90 38.71
N GLN B 276 8.30 9.08 38.31
CA GLN B 276 8.36 8.59 36.92
C GLN B 276 7.19 7.67 36.56
N LEU B 277 6.88 6.71 37.42
CA LEU B 277 5.74 5.82 37.16
C LEU B 277 4.45 6.63 37.02
N GLU B 278 4.29 7.61 37.90
CA GLU B 278 3.20 8.57 37.82
C GLU B 278 3.11 9.23 36.43
N LYS B 279 4.24 9.66 35.88
CA LYS B 279 4.26 10.29 34.55
C LYS B 279 3.81 9.32 33.46
N LEU B 280 4.34 8.09 33.47
CA LEU B 280 3.91 7.06 32.51
C LEU B 280 2.42 6.73 32.62
N ALA B 281 1.86 6.81 33.82
CA ALA B 281 0.46 6.48 34.04
C ALA B 281 -0.48 7.46 33.33
N ALA B 282 -0.14 8.76 33.38
CA ALA B 282 -1.00 9.84 32.85
C ALA B 282 -1.57 9.65 31.43
N PRO B 283 -0.73 9.39 30.42
CA PRO B 283 -1.29 9.18 29.08
C PRO B 283 -2.28 8.01 28.98
N LEU B 284 -2.13 6.99 29.83
CA LEU B 284 -3.00 5.81 29.84
C LEU B 284 -4.10 5.88 30.90
N ALA B 285 -4.31 7.05 31.50
CA ALA B 285 -5.21 7.18 32.67
C ALA B 285 -6.68 6.88 32.36
N LYS B 286 -7.08 6.95 31.09
CA LYS B 286 -8.47 6.67 30.69
C LYS B 286 -8.78 5.19 30.43
N ASN B 287 -7.82 4.30 30.71
CA ASN B 287 -8.06 2.86 30.58
C ASN B 287 -7.52 2.07 31.79
N GLY B 288 -7.82 0.77 31.81
CA GLY B 288 -7.44 -0.10 32.91
C GLY B 288 -5.94 -0.22 33.16
N TYR B 289 -5.12 -0.02 32.11
CA TYR B 289 -3.67 -0.13 32.22
C TYR B 289 -3.06 1.04 33.01
N GLY B 290 -3.37 2.27 32.61
CA GLY B 290 -2.94 3.45 33.35
C GLY B 290 -3.52 3.50 34.75
N GLN B 291 -4.82 3.19 34.89
CA GLN B 291 -5.42 3.08 36.21
C GLN B 291 -4.64 2.06 37.05
N TYR B 292 -4.28 0.93 36.45
CA TYR B 292 -3.44 -0.07 37.12
C TYR B 292 -2.10 0.52 37.56
N LEU B 293 -1.45 1.28 36.67
CA LEU B 293 -0.18 1.95 37.02
C LEU B 293 -0.35 2.93 38.18
N LYS B 294 -1.46 3.66 38.21
CA LYS B 294 -1.75 4.58 39.29
C LYS B 294 -1.99 3.82 40.59
N ARG B 295 -2.82 2.79 40.54
CA ARG B 295 -3.05 1.96 41.72
C ARG B 295 -1.73 1.44 42.29
N LEU B 296 -0.78 1.12 41.43
CA LEU B 296 0.56 0.71 41.88
C LEU B 296 1.25 1.72 42.80
N LEU B 297 0.93 3.00 42.67
CA LEU B 297 1.59 4.03 43.47
C LEU B 297 1.24 3.93 44.95
N THR B 298 -0.03 3.61 45.26
CA THR B 298 -0.50 3.58 46.64
C THR B 298 -0.51 2.19 47.28
N GLU B 299 -0.85 1.17 46.50
CA GLU B 299 -1.10 -0.16 47.06
C GLU B 299 0.15 -0.96 47.38
N THR B 300 0.18 -1.58 48.55
CA THR B 300 1.23 -2.53 48.88
C THR B 300 0.85 -3.90 48.33
N VAL B 301 1.66 -4.42 47.41
CA VAL B 301 1.45 -5.79 46.90
C VAL B 301 2.65 -6.66 47.26
N TYR B 302 2.40 -7.75 47.98
CA TYR B 302 3.47 -8.62 48.45
C TYR B 302 3.87 -9.62 47.35
N ARG C 12 -24.76 0.43 -5.14
CA ARG C 12 -24.56 0.66 -3.67
C ARG C 12 -23.08 0.61 -3.30
N LYS C 13 -22.60 1.70 -2.69
CA LYS C 13 -21.19 1.82 -2.29
C LYS C 13 -21.09 1.46 -0.81
N GLY C 14 -19.95 0.94 -0.39
CA GLY C 14 -19.73 0.57 1.01
C GLY C 14 -18.82 1.55 1.71
N ILE C 15 -19.06 1.77 3.00
CA ILE C 15 -18.11 2.49 3.85
C ILE C 15 -17.76 1.67 5.10
N ILE C 16 -16.47 1.53 5.39
CA ILE C 16 -16.02 0.95 6.65
C ILE C 16 -15.39 2.01 7.53
N LEU C 17 -15.98 2.22 8.70
CA LEU C 17 -15.40 3.13 9.66
C LEU C 17 -14.49 2.36 10.59
N ALA C 18 -13.18 2.57 10.43
CA ALA C 18 -12.15 1.86 11.17
C ALA C 18 -11.30 2.90 11.91
N GLY C 19 -11.97 3.65 12.77
CA GLY C 19 -11.43 4.87 13.32
C GLY C 19 -10.57 4.67 14.54
N GLY C 20 -10.22 5.79 15.18
CA GLY C 20 -9.40 5.78 16.37
C GLY C 20 -10.18 5.29 17.56
N SER C 21 -9.65 4.27 18.23
CA SER C 21 -10.19 3.78 19.50
C SER C 21 -9.53 4.50 20.68
N GLY C 22 -8.79 5.56 20.37
CA GLY C 22 -8.09 6.37 21.37
C GLY C 22 -7.04 5.59 22.12
N THR C 23 -7.27 5.43 23.44
CA THR C 23 -6.36 4.74 24.33
C THR C 23 -7.04 3.58 25.09
N ARG C 24 -8.29 3.27 24.74
CA ARG C 24 -9.08 2.28 25.51
C ARG C 24 -8.50 0.87 25.53
N LEU C 25 -7.76 0.50 24.48
CA LEU C 25 -7.17 -0.84 24.38
C LEU C 25 -5.63 -0.81 24.45
N HIS C 26 -5.07 0.33 24.87
CA HIS C 26 -3.64 0.45 25.06
C HIS C 26 -3.24 -0.41 26.23
N PRO C 27 -2.00 -0.93 26.21
CA PRO C 27 -0.93 -0.74 25.23
C PRO C 27 -0.97 -1.68 24.02
N ALA C 28 -1.91 -2.64 24.00
CA ALA C 28 -2.00 -3.61 22.89
C ALA C 28 -2.07 -2.91 21.53
N THR C 29 -2.80 -1.79 21.51
CA THR C 29 -3.02 -0.99 20.29
C THR C 29 -2.02 0.18 20.11
N LEU C 30 -0.96 0.23 20.93
CA LEU C 30 0.20 1.09 20.61
C LEU C 30 0.98 0.52 19.42
N ALA C 31 0.83 -0.79 19.19
CA ALA C 31 1.45 -1.50 18.06
C ALA C 31 0.73 -1.25 16.72
N ILE C 32 -0.60 -1.40 16.72
CA ILE C 32 -1.47 -1.13 15.55
C ILE C 32 -2.90 -0.80 15.97
N SER C 33 -3.64 -0.07 15.12
CA SER C 33 -5.07 0.19 15.36
C SER C 33 -5.86 -1.10 15.59
N LYS C 34 -6.98 -0.99 16.29
CA LYS C 34 -7.66 -2.20 16.76
C LYS C 34 -8.09 -3.07 15.58
N GLN C 35 -8.57 -2.46 14.49
CA GLN C 35 -9.10 -3.21 13.37
C GLN C 35 -8.00 -3.85 12.53
N LEU C 36 -6.74 -3.63 12.90
CA LEU C 36 -5.63 -4.41 12.39
C LEU C 36 -5.27 -5.61 13.29
N LEU C 37 -5.78 -5.62 14.53
CA LEU C 37 -5.59 -6.78 15.41
C LEU C 37 -6.34 -8.00 14.86
N PRO C 38 -5.77 -9.19 15.05
CA PRO C 38 -6.40 -10.39 14.52
C PRO C 38 -7.56 -10.91 15.39
N VAL C 39 -8.59 -11.43 14.73
CA VAL C 39 -9.60 -12.24 15.42
C VAL C 39 -9.30 -13.67 14.97
N TYR C 40 -8.76 -14.45 15.90
CA TYR C 40 -8.16 -15.76 15.64
C TYR C 40 -7.00 -15.70 14.62
N ASP C 41 -7.33 -15.77 13.35
CA ASP C 41 -6.33 -16.04 12.31
C ASP C 41 -6.31 -15.01 11.20
N LYS C 42 -7.07 -13.92 11.34
CA LYS C 42 -7.14 -12.92 10.29
C LYS C 42 -7.43 -11.54 10.88
N PRO C 43 -6.95 -10.49 10.24
CA PRO C 43 -7.15 -9.15 10.75
C PRO C 43 -8.63 -8.84 10.91
N MET C 44 -8.96 -8.09 11.96
CA MET C 44 -10.36 -7.85 12.30
C MET C 44 -11.13 -7.20 11.15
N ILE C 45 -10.47 -6.35 10.37
CA ILE C 45 -11.13 -5.67 9.28
C ILE C 45 -11.63 -6.64 8.18
N TYR C 46 -11.06 -7.84 8.10
CA TYR C 46 -11.55 -8.86 7.15
C TYR C 46 -13.05 -9.21 7.34
N TYR C 47 -13.50 -9.15 8.59
CA TYR C 47 -14.87 -9.56 8.93
C TYR C 47 -15.93 -8.59 8.40
N PRO C 48 -15.82 -7.28 8.72
CA PRO C 48 -16.74 -6.31 8.10
C PRO C 48 -16.59 -6.17 6.57
N LEU C 49 -15.38 -6.27 6.06
CA LEU C 49 -15.15 -6.19 4.61
C LEU C 49 -15.86 -7.35 3.91
N SER C 50 -15.69 -8.56 4.45
CA SER C 50 -16.37 -9.75 3.96
C SER C 50 -17.89 -9.57 4.06
N THR C 51 -18.34 -8.87 5.10
CA THR C 51 -19.77 -8.62 5.29
C THR C 51 -20.34 -7.76 4.15
N LEU C 52 -19.69 -6.63 3.86
CA LEU C 52 -20.04 -5.80 2.71
C LEU C 52 -19.96 -6.60 1.41
N MET C 53 -18.93 -7.44 1.26
CA MET C 53 -18.78 -8.28 0.06
C MET C 53 -19.94 -9.26 -0.08
N LEU C 54 -20.32 -9.90 1.03
CA LEU C 54 -21.49 -10.79 1.06
C LEU C 54 -22.76 -10.04 0.65
N ALA C 55 -22.86 -8.78 1.06
CA ALA C 55 -23.97 -7.90 0.64
C ALA C 55 -23.92 -7.51 -0.84
N GLY C 56 -22.89 -7.93 -1.57
CA GLY C 56 -22.79 -7.67 -3.00
C GLY C 56 -22.09 -6.36 -3.32
N ILE C 57 -21.44 -5.78 -2.31
CA ILE C 57 -20.83 -4.47 -2.41
C ILE C 57 -19.33 -4.60 -2.76
N ARG C 58 -18.93 -3.90 -3.83
CA ARG C 58 -17.57 -3.97 -4.42
C ARG C 58 -16.76 -2.68 -4.31
N GLU C 59 -17.44 -1.55 -4.33
CA GLU C 59 -16.77 -0.27 -4.16
C GLU C 59 -16.87 0.14 -2.71
N ILE C 60 -15.73 0.18 -2.01
CA ILE C 60 -15.70 0.40 -0.57
C ILE C 60 -14.68 1.48 -0.15
N LEU C 61 -15.12 2.39 0.72
CA LEU C 61 -14.26 3.43 1.28
C LEU C 61 -13.93 3.09 2.73
N ILE C 62 -12.64 3.09 3.05
CA ILE C 62 -12.14 2.82 4.39
C ILE C 62 -11.66 4.11 5.01
N ILE C 63 -12.26 4.49 6.13
CA ILE C 63 -11.97 5.73 6.85
C ILE C 63 -11.22 5.35 8.13
N SER C 64 -10.03 5.92 8.31
CA SER C 64 -9.22 5.63 9.47
C SER C 64 -8.40 6.87 9.76
N THR C 65 -7.61 6.84 10.82
CA THR C 65 -6.75 7.97 11.16
C THR C 65 -5.63 8.16 10.10
N PRO C 66 -5.00 9.34 10.08
CA PRO C 66 -3.85 9.51 9.17
C PRO C 66 -2.77 8.45 9.38
N GLN C 67 -2.54 8.09 10.63
CA GLN C 67 -1.51 7.15 11.00
C GLN C 67 -1.89 5.74 10.58
N ASP C 68 -3.18 5.42 10.61
CA ASP C 68 -3.63 4.07 10.36
C ASP C 68 -3.84 3.80 8.87
N THR C 69 -4.19 4.84 8.10
CA THR C 69 -4.52 4.69 6.68
C THR C 69 -3.49 3.86 5.89
N PRO C 70 -2.20 4.25 5.94
CA PRO C 70 -1.20 3.49 5.16
C PRO C 70 -1.02 2.04 5.60
N ARG C 71 -1.30 1.75 6.87
CA ARG C 71 -1.26 0.39 7.37
C ARG C 71 -2.41 -0.45 6.80
N PHE C 72 -3.62 0.08 6.82
CA PHE C 72 -4.73 -0.59 6.12
C PHE C 72 -4.42 -0.74 4.64
N GLN C 73 -3.75 0.26 4.07
CA GLN C 73 -3.42 0.24 2.63
C GLN C 73 -2.43 -0.87 2.28
N GLN C 74 -1.43 -1.05 3.13
CA GLN C 74 -0.45 -2.11 2.97
C GLN C 74 -1.11 -3.50 3.10
N LEU C 75 -2.04 -3.64 4.03
CA LEU C 75 -2.77 -4.89 4.18
C LEU C 75 -3.63 -5.22 2.96
N LEU C 76 -4.38 -4.25 2.46
CA LEU C 76 -5.48 -4.52 1.52
C LEU C 76 -5.28 -3.99 0.09
N GLY C 77 -4.35 -3.07 -0.12
CA GLY C 77 -4.12 -2.50 -1.46
C GLY C 77 -5.35 -1.79 -1.95
N ASP C 78 -5.53 -1.77 -3.27
CA ASP C 78 -6.73 -1.16 -3.84
C ASP C 78 -7.90 -2.13 -4.01
N GLY C 79 -7.73 -3.37 -3.57
CA GLY C 79 -8.77 -4.38 -3.65
C GLY C 79 -8.85 -5.15 -4.96
N SER C 80 -8.18 -4.65 -6.01
CA SER C 80 -8.35 -5.24 -7.35
C SER C 80 -8.00 -6.73 -7.42
N ASN C 81 -7.13 -7.22 -6.52
CA ASN C 81 -6.88 -8.68 -6.44
C ASN C 81 -8.09 -9.51 -5.99
N TRP C 82 -9.07 -8.88 -5.37
CA TRP C 82 -10.26 -9.56 -4.87
C TRP C 82 -11.47 -9.11 -5.61
N GLY C 83 -11.27 -8.42 -6.74
CA GLY C 83 -12.37 -7.94 -7.55
C GLY C 83 -13.09 -6.75 -6.94
N LEU C 84 -12.40 -6.02 -6.06
CA LEU C 84 -12.97 -4.89 -5.35
C LEU C 84 -12.30 -3.60 -5.79
N ASP C 85 -12.90 -2.48 -5.42
CA ASP C 85 -12.34 -1.15 -5.61
C ASP C 85 -12.36 -0.48 -4.25
N LEU C 86 -11.24 -0.60 -3.54
CA LEU C 86 -11.08 -0.06 -2.21
C LEU C 86 -10.44 1.31 -2.33
N GLN C 87 -11.05 2.30 -1.70
CA GLN C 87 -10.52 3.65 -1.61
C GLN C 87 -10.36 4.01 -0.14
N TYR C 88 -9.66 5.09 0.14
CA TYR C 88 -9.29 5.41 1.51
C TYR C 88 -9.49 6.88 1.79
N ALA C 89 -9.98 7.18 2.98
CA ALA C 89 -10.08 8.56 3.43
C ALA C 89 -9.58 8.65 4.85
N VAL C 90 -9.01 9.80 5.18
CA VAL C 90 -8.44 10.02 6.49
C VAL C 90 -9.53 10.60 7.38
N GLN C 91 -9.51 10.29 8.66
CA GLN C 91 -10.34 10.99 9.64
C GLN C 91 -9.43 11.65 10.65
N PRO C 92 -9.27 12.99 10.57
CA PRO C 92 -8.40 13.69 11.51
C PRO C 92 -8.82 13.48 12.96
N SER C 93 -10.10 13.69 13.24
CA SER C 93 -10.62 13.70 14.60
C SER C 93 -11.79 12.74 14.69
N PRO C 94 -11.93 12.02 15.83
CA PRO C 94 -13.06 11.10 15.99
C PRO C 94 -14.39 11.80 16.33
N ASP C 95 -14.89 12.61 15.39
CA ASP C 95 -16.04 13.48 15.63
C ASP C 95 -17.39 12.78 15.52
N GLY C 96 -17.39 11.44 15.59
CA GLY C 96 -18.63 10.68 15.57
C GLY C 96 -18.79 9.83 14.33
N LEU C 97 -19.55 8.76 14.46
CA LEU C 97 -19.74 7.82 13.36
C LEU C 97 -20.49 8.43 12.18
N ALA C 98 -21.39 9.39 12.44
CA ALA C 98 -22.13 10.06 11.36
C ALA C 98 -21.25 10.94 10.45
N GLN C 99 -20.07 11.33 10.95
CA GLN C 99 -19.10 12.08 10.14
C GLN C 99 -18.66 11.31 8.88
N ALA C 100 -18.69 9.98 8.94
CA ALA C 100 -18.37 9.14 7.79
C ALA C 100 -19.04 9.61 6.47
N PHE C 101 -20.25 10.18 6.56
CA PHE C 101 -20.98 10.66 5.37
C PHE C 101 -20.48 12.01 4.84
N LEU C 102 -19.97 12.86 5.73
CA LEU C 102 -19.32 14.11 5.30
C LEU C 102 -17.97 13.82 4.64
N ILE C 103 -17.12 13.07 5.33
CA ILE C 103 -15.85 12.62 4.78
C ILE C 103 -16.10 11.85 3.48
N GLY C 104 -17.07 10.95 3.52
CA GLY C 104 -17.34 10.09 2.37
C GLY C 104 -18.29 10.67 1.35
N GLU C 105 -18.59 11.97 1.47
CA GLU C 105 -19.57 12.63 0.60
C GLU C 105 -19.32 12.44 -0.90
N SER C 106 -18.12 12.76 -1.38
CA SER C 106 -17.86 12.72 -2.82
C SER C 106 -17.68 11.29 -3.32
N PHE C 107 -17.21 10.39 -2.45
CA PHE C 107 -17.17 8.95 -2.75
C PHE C 107 -18.59 8.39 -2.95
N ILE C 108 -19.52 8.75 -2.06
CA ILE C 108 -20.91 8.31 -2.20
C ILE C 108 -21.58 8.87 -3.46
N GLY C 109 -21.37 10.16 -3.73
CA GLY C 109 -22.02 10.82 -4.85
C GLY C 109 -23.54 10.76 -4.79
N ASN C 110 -24.15 10.31 -5.87
CA ASN C 110 -25.59 10.17 -5.95
C ASN C 110 -26.04 8.72 -5.73
N ASP C 111 -25.16 7.89 -5.19
CA ASP C 111 -25.47 6.46 -5.07
C ASP C 111 -26.05 6.09 -3.72
N LEU C 112 -26.46 4.82 -3.66
CA LEU C 112 -26.88 4.19 -2.40
C LEU C 112 -25.61 3.84 -1.63
N SER C 113 -25.74 3.68 -0.31
CA SER C 113 -24.59 3.31 0.50
C SER C 113 -24.91 2.30 1.60
N ALA C 114 -23.84 1.73 2.15
CA ALA C 114 -23.88 0.91 3.35
C ALA C 114 -22.67 1.31 4.22
N LEU C 115 -22.93 1.53 5.51
CA LEU C 115 -21.90 1.85 6.49
C LEU C 115 -21.82 0.70 7.51
N VAL C 116 -20.59 0.23 7.73
CA VAL C 116 -20.32 -0.84 8.68
C VAL C 116 -19.16 -0.47 9.60
N LEU C 117 -19.36 -0.73 10.89
CA LEU C 117 -18.31 -0.52 11.90
C LEU C 117 -17.20 -1.57 11.80
N GLY C 118 -15.95 -1.13 11.84
CA GLY C 118 -14.79 -2.03 11.66
C GLY C 118 -14.58 -3.13 12.69
N ASP C 119 -15.21 -3.01 13.86
CA ASP C 119 -15.03 -4.01 14.93
C ASP C 119 -16.31 -4.79 15.24
N ASN C 120 -17.12 -5.03 14.22
CA ASN C 120 -18.32 -5.85 14.37
C ASN C 120 -18.12 -7.13 13.58
N LEU C 121 -18.44 -8.23 14.24
CA LEU C 121 -18.34 -9.55 13.67
C LEU C 121 -19.73 -10.19 13.63
N TYR C 122 -20.13 -10.64 12.45
CA TYR C 122 -21.40 -11.31 12.23
C TYR C 122 -21.19 -12.72 11.74
N TYR C 123 -22.10 -13.60 12.13
CA TYR C 123 -22.06 -14.99 11.66
C TYR C 123 -23.46 -15.63 11.69
N GLY C 124 -23.84 -16.27 10.59
CA GLY C 124 -24.96 -17.17 10.61
C GLY C 124 -25.50 -17.65 9.30
N HIS C 125 -26.49 -18.53 9.40
CA HIS C 125 -27.08 -19.15 8.23
C HIS C 125 -27.99 -18.19 7.54
N ASP C 126 -27.87 -18.15 6.22
CA ASP C 126 -28.57 -17.20 5.36
C ASP C 126 -28.27 -15.73 5.69
N PHE C 127 -27.08 -15.47 6.23
CA PHE C 127 -26.63 -14.09 6.40
C PHE C 127 -26.65 -13.37 5.05
N HIS C 128 -26.25 -14.07 3.99
CA HIS C 128 -26.31 -13.54 2.62
C HIS C 128 -27.69 -12.99 2.29
N GLU C 129 -28.72 -13.77 2.58
CA GLU C 129 -30.11 -13.37 2.31
C GLU C 129 -30.62 -12.25 3.21
N LEU C 130 -30.20 -12.26 4.47
CA LEU C 130 -30.53 -11.18 5.37
C LEU C 130 -30.00 -9.85 4.81
N LEU C 131 -28.74 -9.84 4.42
CA LEU C 131 -28.12 -8.64 3.87
C LEU C 131 -28.82 -8.22 2.58
N GLY C 132 -29.13 -9.19 1.74
CA GLY C 132 -29.65 -8.95 0.41
C GLY C 132 -30.99 -8.26 0.42
N SER C 133 -31.86 -8.67 1.34
CA SER C 133 -33.16 -8.04 1.49
C SER C 133 -33.04 -6.57 1.88
N ALA C 134 -32.08 -6.24 2.74
CA ALA C 134 -31.79 -4.84 3.05
C ALA C 134 -31.09 -4.13 1.88
N SER C 135 -30.15 -4.79 1.23
CA SER C 135 -29.42 -4.19 0.10
C SER C 135 -30.37 -3.81 -1.05
N GLN C 136 -31.40 -4.61 -1.25
CA GLN C 136 -32.26 -4.52 -2.43
C GLN C 136 -33.41 -3.53 -2.32
N ARG C 137 -33.78 -3.09 -1.11
CA ARG C 137 -34.75 -2.01 -1.00
C ARG C 137 -34.03 -0.68 -1.23
N GLN C 138 -34.20 -0.13 -2.44
CA GLN C 138 -33.40 0.99 -2.96
C GLN C 138 -33.91 2.36 -2.51
N THR C 139 -34.81 2.37 -1.53
CA THR C 139 -35.37 3.59 -0.98
C THR C 139 -35.37 3.49 0.54
N GLY C 140 -35.15 4.60 1.20
CA GLY C 140 -35.14 4.64 2.65
C GLY C 140 -33.89 4.00 3.21
N ALA C 141 -33.97 3.59 4.46
CA ALA C 141 -32.85 3.02 5.19
C ALA C 141 -33.27 1.71 5.86
N SER C 142 -32.30 0.81 6.03
CA SER C 142 -32.51 -0.44 6.77
C SER C 142 -31.43 -0.64 7.82
N VAL C 143 -31.88 -1.04 9.02
CA VAL C 143 -31.00 -1.44 10.09
C VAL C 143 -31.45 -2.79 10.66
N PHE C 144 -30.62 -3.36 11.53
CA PHE C 144 -30.87 -4.66 12.13
C PHE C 144 -30.90 -4.53 13.65
N ALA C 145 -31.86 -5.20 14.27
CA ALA C 145 -32.02 -5.19 15.71
C ALA C 145 -31.66 -6.57 16.23
N TYR C 146 -30.84 -6.64 17.28
CA TYR C 146 -30.38 -7.90 17.82
C TYR C 146 -30.56 -7.89 19.33
N HIS C 147 -31.13 -8.95 19.88
CA HIS C 147 -31.31 -9.07 21.34
C HIS C 147 -30.00 -9.23 22.03
N VAL C 148 -29.69 -8.28 22.92
CA VAL C 148 -28.46 -8.34 23.71
C VAL C 148 -28.72 -8.18 25.22
N LEU C 149 -27.76 -8.64 26.02
CA LEU C 149 -27.78 -8.50 27.48
C LEU C 149 -27.63 -7.05 27.94
N ASP C 150 -26.83 -6.27 27.21
CA ASP C 150 -26.46 -4.90 27.62
C ASP C 150 -26.82 -3.88 26.57
N PRO C 151 -28.13 -3.65 26.36
CA PRO C 151 -28.50 -2.70 25.33
C PRO C 151 -28.02 -1.26 25.59
N GLU C 152 -27.73 -0.90 26.86
CA GLU C 152 -27.17 0.43 27.24
C GLU C 152 -25.92 0.82 26.47
N ARG C 153 -25.18 -0.15 25.94
CA ARG C 153 -23.95 0.17 25.18
C ARG C 153 -24.19 0.54 23.72
N TYR C 154 -25.44 0.47 23.27
CA TYR C 154 -25.76 0.66 21.85
C TYR C 154 -26.93 1.59 21.61
N GLY C 155 -27.17 1.86 20.33
CA GLY C 155 -28.45 2.40 19.88
C GLY C 155 -29.51 1.33 20.13
N VAL C 156 -30.64 1.73 20.71
CA VAL C 156 -31.67 0.80 21.16
C VAL C 156 -32.99 1.14 20.48
N VAL C 157 -33.67 0.11 19.95
CA VAL C 157 -34.93 0.29 19.27
C VAL C 157 -36.06 -0.24 20.14
N GLU C 158 -37.14 0.55 20.22
CA GLU C 158 -38.38 0.18 20.87
C GLU C 158 -39.45 -0.15 19.80
N PHE C 159 -40.19 -1.22 20.04
CA PHE C 159 -41.24 -1.67 19.15
C PHE C 159 -42.59 -1.53 19.87
N ASP C 160 -43.64 -1.29 19.11
CA ASP C 160 -45.01 -1.33 19.65
C ASP C 160 -45.51 -2.77 19.58
N GLN C 161 -46.80 -2.97 19.90
CA GLN C 161 -47.37 -4.32 20.06
C GLN C 161 -47.36 -5.15 18.77
N GLY C 162 -47.55 -4.50 17.64
CA GLY C 162 -47.55 -5.18 16.35
C GLY C 162 -46.19 -5.21 15.68
N GLY C 163 -45.14 -4.99 16.48
CA GLY C 163 -43.77 -5.16 16.00
C GLY C 163 -43.19 -4.01 15.18
N LYS C 164 -43.85 -2.86 15.22
CA LYS C 164 -43.39 -1.66 14.51
C LYS C 164 -42.43 -0.88 15.39
N ALA C 165 -41.32 -0.42 14.80
CA ALA C 165 -40.37 0.40 15.50
C ALA C 165 -40.97 1.78 15.77
N ILE C 166 -40.91 2.25 17.01
CA ILE C 166 -41.47 3.56 17.39
C ILE C 166 -40.50 4.55 18.04
N SER C 167 -39.33 4.09 18.48
CA SER C 167 -38.31 4.97 19.00
C SER C 167 -36.92 4.39 18.90
N LEU C 168 -35.95 5.29 18.82
CA LEU C 168 -34.54 4.98 18.86
C LEU C 168 -33.87 5.87 19.89
N GLU C 169 -33.01 5.29 20.72
CA GLU C 169 -32.26 6.04 21.71
C GLU C 169 -30.79 5.59 21.62
N GLU C 170 -29.87 6.55 21.74
CA GLU C 170 -28.44 6.25 21.75
C GLU C 170 -27.93 5.98 23.17
N LYS C 171 -27.48 4.75 23.40
CA LYS C 171 -26.94 4.35 24.69
C LYS C 171 -27.80 4.77 25.89
N PRO C 172 -29.09 4.46 25.86
CA PRO C 172 -29.92 4.87 26.98
C PRO C 172 -29.48 4.23 28.31
N LEU C 173 -29.38 5.03 29.37
CA LEU C 173 -29.15 4.51 30.72
C LEU C 173 -30.30 3.60 31.18
N GLU C 174 -31.51 3.85 30.68
CA GLU C 174 -32.67 3.00 30.94
C GLU C 174 -33.30 2.55 29.62
N PRO C 175 -32.77 1.47 29.03
CA PRO C 175 -33.21 1.01 27.71
C PRO C 175 -34.67 0.64 27.66
N LYS C 176 -35.35 0.97 26.57
CA LYS C 176 -36.76 0.61 26.44
C LYS C 176 -36.97 -0.84 26.01
N SER C 177 -35.90 -1.48 25.52
CA SER C 177 -35.92 -2.89 25.13
C SER C 177 -34.50 -3.47 25.24
N ASN C 178 -34.37 -4.75 24.90
CA ASN C 178 -33.05 -5.39 24.80
C ASN C 178 -32.55 -5.49 23.36
N TYR C 179 -33.22 -4.77 22.45
CA TYR C 179 -32.90 -4.78 21.04
C TYR C 179 -31.95 -3.64 20.72
N ALA C 180 -30.69 -4.00 20.48
CA ALA C 180 -29.67 -3.07 20.03
C ALA C 180 -29.63 -3.00 18.51
N VAL C 181 -29.37 -1.82 17.97
CA VAL C 181 -29.12 -1.68 16.54
C VAL C 181 -27.67 -2.07 16.23
N THR C 182 -27.46 -2.99 15.29
CA THR C 182 -26.10 -3.49 14.99
C THR C 182 -25.39 -2.40 14.20
N GLY C 183 -24.10 -2.58 13.97
CA GLY C 183 -23.26 -1.56 13.33
C GLY C 183 -23.16 -1.77 11.83
N LEU C 184 -24.29 -2.00 11.21
CA LEU C 184 -24.40 -2.31 9.79
C LEU C 184 -25.66 -1.61 9.31
N TYR C 185 -25.49 -0.61 8.46
CA TYR C 185 -26.57 0.30 8.05
C TYR C 185 -26.60 0.43 6.55
N PHE C 186 -27.81 0.34 5.96
CA PHE C 186 -28.02 0.60 4.55
C PHE C 186 -28.79 1.90 4.37
N TYR C 187 -28.32 2.76 3.47
CA TYR C 187 -28.90 4.09 3.24
C TYR C 187 -29.16 4.40 1.76
N ASP C 188 -30.23 5.16 1.49
CA ASP C 188 -30.49 5.69 0.16
C ASP C 188 -29.72 7.01 -0.01
N GLN C 189 -30.03 7.75 -1.09
CA GLN C 189 -29.28 8.95 -1.43
C GLN C 189 -29.59 10.12 -0.54
N GLN C 190 -30.50 9.97 0.41
CA GLN C 190 -30.86 11.08 1.28
C GLN C 190 -29.88 11.25 2.43
N VAL C 191 -29.05 10.24 2.69
CA VAL C 191 -28.29 10.19 3.93
C VAL C 191 -27.27 11.32 4.11
N VAL C 192 -26.58 11.70 3.03
CA VAL C 192 -25.59 12.76 3.14
C VAL C 192 -26.29 14.05 3.57
N ASP C 193 -27.43 14.35 2.96
CA ASP C 193 -28.22 15.56 3.26
C ASP C 193 -28.75 15.58 4.69
N ILE C 194 -29.25 14.44 5.16
CA ILE C 194 -29.64 14.29 6.57
C ILE C 194 -28.44 14.52 7.50
N ALA C 195 -27.29 13.98 7.10
CA ALA C 195 -26.06 14.14 7.87
C ALA C 195 -25.52 15.58 7.91
N ARG C 196 -25.77 16.38 6.87
CA ARG C 196 -25.28 17.78 6.86
C ARG C 196 -25.99 18.62 7.92
N ASP C 197 -27.24 18.28 8.22
CA ASP C 197 -28.05 19.01 9.21
C ASP C 197 -27.93 18.50 10.65
N LEU C 198 -27.00 17.57 10.91
CA LEU C 198 -26.78 17.08 12.28
C LEU C 198 -25.94 18.07 13.10
N LYS C 199 -26.51 18.59 14.19
CA LYS C 199 -25.73 19.34 15.17
C LYS C 199 -25.06 18.32 16.11
N PRO C 200 -23.78 18.55 16.47
CA PRO C 200 -23.09 17.68 17.44
C PRO C 200 -23.85 17.48 18.75
N SER C 201 -23.88 16.25 19.26
CA SER C 201 -24.70 15.89 20.41
C SER C 201 -24.09 16.38 21.73
N GLY C 204 -20.57 15.17 22.32
CA GLY C 204 -19.60 15.85 21.46
C GLY C 204 -19.51 15.37 20.02
N GLU C 205 -20.34 14.38 19.66
CA GLU C 205 -20.18 13.69 18.37
C GLU C 205 -21.42 13.77 17.46
N LEU C 206 -21.20 13.48 16.17
CA LEU C 206 -22.29 13.32 15.20
C LEU C 206 -22.80 11.87 15.29
N GLU C 207 -24.03 11.71 15.76
CA GLU C 207 -24.57 10.39 16.13
C GLU C 207 -25.33 9.70 14.99
N ILE C 208 -25.00 8.42 14.73
CA ILE C 208 -25.71 7.62 13.71
C ILE C 208 -27.19 7.40 14.07
N THR C 209 -27.50 7.35 15.35
CA THR C 209 -28.88 7.23 15.82
C THR C 209 -29.74 8.43 15.35
N ASP C 210 -29.12 9.61 15.28
CA ASP C 210 -29.83 10.80 14.80
C ASP C 210 -30.13 10.64 13.32
N VAL C 211 -29.18 10.14 12.54
CA VAL C 211 -29.44 9.83 11.14
C VAL C 211 -30.60 8.83 11.04
N ASN C 212 -30.55 7.76 11.82
CA ASN C 212 -31.60 6.72 11.77
C ASN C 212 -32.97 7.22 12.23
N ARG C 213 -32.99 8.13 13.20
CA ARG C 213 -34.24 8.72 13.67
C ARG C 213 -34.85 9.61 12.59
N ALA C 214 -34.02 10.26 11.80
CA ALA C 214 -34.51 11.11 10.71
C ALA C 214 -35.30 10.27 9.71
N TYR C 215 -34.82 9.06 9.43
CA TYR C 215 -35.57 8.16 8.55
C TYR C 215 -36.84 7.65 9.22
N LEU C 216 -36.72 7.29 10.50
CA LEU C 216 -37.87 6.81 11.25
C LEU C 216 -39.02 7.82 11.14
N GLU C 217 -38.73 9.09 11.39
CA GLU C 217 -39.74 10.16 11.33
C GLU C 217 -40.39 10.32 9.94
N ARG C 218 -39.61 10.17 8.87
CA ARG C 218 -40.14 10.16 7.50
C ARG C 218 -40.92 8.90 7.17
N GLY C 219 -41.00 7.93 8.09
CA GLY C 219 -41.63 6.64 7.79
C GLY C 219 -40.82 5.84 6.79
N GLN C 220 -39.50 6.05 6.78
CA GLN C 220 -38.61 5.40 5.79
C GLN C 220 -37.50 4.50 6.38
N LEU C 221 -37.72 3.98 7.59
CA LEU C 221 -36.75 3.08 8.24
C LEU C 221 -37.35 1.70 8.37
N SER C 222 -36.67 0.71 7.81
CA SER C 222 -36.97 -0.69 8.04
C SER C 222 -36.03 -1.18 9.13
N VAL C 223 -36.59 -1.83 10.14
CA VAL C 223 -35.82 -2.44 11.19
C VAL C 223 -36.07 -3.93 11.08
N GLU C 224 -35.08 -4.66 10.57
CA GLU C 224 -35.18 -6.10 10.46
C GLU C 224 -34.62 -6.73 11.72
N ILE C 225 -35.26 -7.78 12.20
CA ILE C 225 -34.71 -8.48 13.31
C ILE C 225 -33.56 -9.38 12.78
N MET C 226 -32.38 -9.27 13.39
CA MET C 226 -31.34 -10.27 13.24
C MET C 226 -31.56 -11.26 14.36
N GLY C 227 -31.95 -12.48 14.03
CA GLY C 227 -32.38 -13.46 15.02
C GLY C 227 -31.27 -13.99 15.90
N ARG C 228 -31.70 -14.65 16.97
CA ARG C 228 -30.81 -15.19 17.98
C ARG C 228 -29.92 -16.33 17.46
N GLY C 229 -30.31 -16.91 16.32
CA GLY C 229 -29.48 -17.90 15.63
C GLY C 229 -28.29 -17.31 14.86
N TYR C 230 -28.23 -15.99 14.73
CA TYR C 230 -27.04 -15.28 14.27
C TYR C 230 -26.18 -14.90 15.48
N ALA C 231 -24.86 -14.89 15.29
CA ALA C 231 -23.92 -14.41 16.29
C ALA C 231 -23.51 -13.03 15.85
N TRP C 232 -23.79 -12.03 16.68
CA TRP C 232 -23.23 -10.69 16.52
C TRP C 232 -22.32 -10.46 17.70
N LEU C 233 -21.04 -10.34 17.44
CA LEU C 233 -20.07 -10.22 18.55
C LEU C 233 -19.36 -8.86 18.50
N ASP C 234 -19.05 -8.32 19.66
CA ASP C 234 -18.29 -7.06 19.72
C ASP C 234 -16.86 -7.40 20.04
N THR C 235 -15.94 -6.68 19.41
CA THR C 235 -14.54 -6.98 19.51
C THR C 235 -13.81 -5.76 20.02
N GLY C 236 -14.43 -5.05 20.95
CA GLY C 236 -13.93 -3.76 21.44
C GLY C 236 -13.21 -3.71 22.78
N THR C 237 -13.30 -4.76 23.58
CA THR C 237 -12.49 -4.90 24.78
C THR C 237 -11.47 -6.03 24.62
N HIS C 238 -10.50 -6.13 25.52
CA HIS C 238 -9.55 -7.25 25.51
C HIS C 238 -10.28 -8.54 25.70
N ASP C 239 -11.23 -8.58 26.64
CA ASP C 239 -12.01 -9.81 26.93
C ASP C 239 -12.86 -10.27 25.77
N SER C 240 -13.53 -9.33 25.11
CA SER C 240 -14.46 -9.66 24.02
C SER C 240 -13.72 -10.03 22.75
N LEU C 241 -12.55 -9.43 22.50
CA LEU C 241 -11.71 -9.79 21.35
C LEU C 241 -11.26 -11.24 21.50
N LEU C 242 -10.83 -11.60 22.70
CA LEU C 242 -10.44 -12.95 23.06
C LEU C 242 -11.59 -13.96 22.85
N GLU C 243 -12.78 -13.62 23.35
CA GLU C 243 -13.97 -14.41 23.13
C GLU C 243 -14.32 -14.56 21.66
N ALA C 244 -14.21 -13.48 20.91
CA ALA C 244 -14.45 -13.53 19.48
C ALA C 244 -13.45 -14.49 18.79
N GLY C 245 -12.18 -14.46 19.19
CA GLY C 245 -11.17 -15.38 18.64
C GLY C 245 -11.52 -16.84 18.89
N GLN C 246 -11.88 -17.16 20.12
CA GLN C 246 -12.24 -18.54 20.49
CA GLN C 246 -12.27 -18.51 20.53
C GLN C 246 -13.46 -19.01 19.70
N PHE C 247 -14.45 -18.12 19.54
CA PHE C 247 -15.66 -18.43 18.81
C PHE C 247 -15.34 -18.79 17.35
N ILE C 248 -14.55 -17.95 16.67
CA ILE C 248 -14.12 -18.24 15.29
C ILE C 248 -13.26 -19.53 15.21
N ALA C 249 -12.27 -19.67 16.11
CA ALA C 249 -11.41 -20.87 16.12
C ALA C 249 -12.25 -22.15 16.25
N THR C 250 -13.25 -22.11 17.12
CA THR C 250 -14.13 -23.24 17.33
C THR C 250 -14.88 -23.62 16.07
N LEU C 251 -15.43 -22.64 15.37
CA LEU C 251 -16.18 -22.94 14.15
C LEU C 251 -15.27 -23.48 13.02
N GLU C 252 -14.15 -22.81 12.81
CA GLU C 252 -13.26 -23.13 11.69
C GLU C 252 -12.60 -24.49 11.86
N ASN C 253 -12.18 -24.79 13.07
CA ASN C 253 -11.57 -26.09 13.38
C ASN C 253 -12.56 -27.23 13.33
N ARG C 254 -13.81 -26.94 13.64
CA ARG C 254 -14.86 -27.92 13.53
C ARG C 254 -15.12 -28.23 12.05
N GLN C 255 -15.21 -27.19 11.24
CA GLN C 255 -15.72 -27.29 9.90
C GLN C 255 -14.66 -27.54 8.84
N GLY C 256 -13.42 -27.11 9.10
CA GLY C 256 -12.41 -27.01 8.07
C GLY C 256 -12.85 -26.03 7.01
N LEU C 257 -13.63 -25.05 7.43
CA LEU C 257 -14.07 -23.94 6.60
C LEU C 257 -13.73 -22.64 7.34
N LYS C 258 -13.48 -21.57 6.60
CA LYS C 258 -13.15 -20.32 7.24
C LYS C 258 -14.37 -19.41 7.28
N VAL C 259 -14.41 -18.58 8.32
CA VAL C 259 -15.39 -17.50 8.38
C VAL C 259 -14.73 -16.17 7.95
N ALA C 260 -15.31 -15.52 6.95
CA ALA C 260 -14.92 -14.16 6.52
C ALA C 260 -13.54 -14.13 5.87
N CYS C 261 -13.34 -15.06 4.95
CA CYS C 261 -12.15 -15.12 4.13
C CYS C 261 -12.48 -14.34 2.85
N PRO C 262 -11.94 -13.12 2.68
CA PRO C 262 -12.38 -12.27 1.56
C PRO C 262 -12.18 -12.89 0.15
N GLU C 263 -11.09 -13.62 -0.03
CA GLU C 263 -10.78 -14.30 -1.30
C GLU C 263 -11.83 -15.36 -1.65
N GLU C 264 -12.27 -16.11 -0.65
CA GLU C 264 -13.32 -17.10 -0.82
C GLU C 264 -14.60 -16.40 -1.25
N ILE C 265 -14.96 -15.33 -0.58
CA ILE C 265 -16.19 -14.63 -0.90
C ILE C 265 -16.17 -14.04 -2.32
N ALA C 266 -15.05 -13.43 -2.70
CA ALA C 266 -14.90 -12.89 -4.06
C ALA C 266 -15.06 -14.00 -5.09
N TYR C 267 -14.49 -15.16 -4.81
CA TYR C 267 -14.56 -16.33 -5.67
C TYR C 267 -15.99 -16.83 -5.79
N ARG C 268 -16.69 -16.95 -4.67
CA ARG C 268 -18.07 -17.45 -4.69
C ARG C 268 -19.03 -16.44 -5.29
N GLN C 269 -18.68 -15.15 -5.24
CA GLN C 269 -19.47 -14.11 -5.90
C GLN C 269 -19.17 -13.99 -7.40
N LYS C 270 -18.19 -14.75 -7.88
CA LYS C 270 -17.73 -14.71 -9.28
C LYS C 270 -17.03 -13.40 -9.61
N TRP C 271 -16.43 -12.74 -8.62
CA TRP C 271 -15.70 -11.49 -8.85
C TRP C 271 -14.29 -11.74 -9.26
N ILE C 272 -13.73 -12.87 -8.83
CA ILE C 272 -12.47 -13.38 -9.35
C ILE C 272 -12.71 -14.83 -9.75
N ASP C 273 -11.85 -15.37 -10.61
CA ASP C 273 -12.00 -16.75 -11.09
C ASP C 273 -10.93 -17.69 -10.53
N ALA C 274 -10.98 -18.95 -10.93
CA ALA C 274 -10.11 -19.96 -10.33
C ALA C 274 -8.62 -19.66 -10.59
N ALA C 275 -8.30 -19.17 -11.78
CA ALA C 275 -6.94 -18.75 -12.10
C ALA C 275 -6.48 -17.66 -11.14
N GLN C 276 -7.35 -16.66 -10.93
CA GLN C 276 -7.04 -15.55 -10.03
C GLN C 276 -6.85 -16.05 -8.60
N LEU C 277 -7.74 -16.91 -8.13
CA LEU C 277 -7.63 -17.48 -6.78
C LEU C 277 -6.36 -18.31 -6.64
N GLU C 278 -6.01 -19.06 -7.67
CA GLU C 278 -4.77 -19.83 -7.63
C GLU C 278 -3.54 -18.95 -7.43
N LYS C 279 -3.48 -17.82 -8.15
CA LYS C 279 -2.39 -16.86 -7.97
C LYS C 279 -2.32 -16.28 -6.54
N LEU C 280 -3.47 -16.04 -5.91
CA LEU C 280 -3.51 -15.53 -4.53
C LEU C 280 -3.05 -16.59 -3.54
N ALA C 281 -3.28 -17.86 -3.86
CA ALA C 281 -2.85 -18.96 -2.99
C ALA C 281 -1.33 -19.16 -3.02
N ALA C 282 -0.72 -19.02 -4.20
CA ALA C 282 0.73 -19.19 -4.40
C ALA C 282 1.58 -18.65 -3.22
N PRO C 283 1.68 -17.32 -3.03
CA PRO C 283 2.56 -16.80 -1.99
C PRO C 283 2.12 -17.12 -0.55
N LEU C 284 0.95 -17.72 -0.38
CA LEU C 284 0.48 -18.18 0.92
C LEU C 284 0.53 -19.71 1.10
N ALA C 285 1.14 -20.42 0.15
CA ALA C 285 1.05 -21.89 0.05
C ALA C 285 1.73 -22.68 1.18
N LYS C 286 2.56 -22.00 1.97
CA LYS C 286 3.33 -22.64 3.04
C LYS C 286 2.63 -22.56 4.41
N ASN C 287 1.42 -21.98 4.45
CA ASN C 287 0.61 -21.97 5.66
C ASN C 287 -0.81 -22.47 5.39
N GLY C 288 -1.59 -22.66 6.46
CA GLY C 288 -2.95 -23.16 6.35
C GLY C 288 -3.92 -22.31 5.54
N TYR C 289 -3.67 -21.00 5.48
CA TYR C 289 -4.54 -20.07 4.74
C TYR C 289 -4.42 -20.26 3.21
N GLY C 290 -3.20 -20.31 2.69
CA GLY C 290 -2.97 -20.62 1.28
C GLY C 290 -3.44 -22.02 0.91
N GLN C 291 -3.17 -23.00 1.76
CA GLN C 291 -3.64 -24.37 1.50
C GLN C 291 -5.17 -24.40 1.41
N TYR C 292 -5.81 -23.64 2.28
CA TYR C 292 -7.27 -23.49 2.26
C TYR C 292 -7.77 -22.89 0.95
N LEU C 293 -7.13 -21.83 0.46
CA LEU C 293 -7.54 -21.24 -0.83
C LEU C 293 -7.37 -22.25 -1.96
N LYS C 294 -6.26 -22.98 -1.93
CA LYS C 294 -5.99 -24.03 -2.91
C LYS C 294 -7.13 -25.07 -2.91
N ARG C 295 -7.53 -25.53 -1.72
CA ARG C 295 -8.63 -26.52 -1.60
C ARG C 295 -9.95 -26.02 -2.19
N LEU C 296 -10.23 -24.72 -2.06
CA LEU C 296 -11.45 -24.16 -2.65
C LEU C 296 -11.53 -24.39 -4.17
N LEU C 297 -10.40 -24.54 -4.83
CA LEU C 297 -10.37 -24.75 -6.29
C LEU C 297 -10.96 -26.10 -6.73
N THR C 298 -10.84 -27.11 -5.89
CA THR C 298 -11.23 -28.46 -6.26
C THR C 298 -12.37 -29.04 -5.41
N GLU C 299 -12.63 -28.49 -4.24
CA GLU C 299 -13.72 -28.99 -3.38
C GLU C 299 -15.02 -28.30 -3.69
N THR C 300 -16.11 -29.05 -3.78
CA THR C 300 -17.43 -28.46 -3.82
C THR C 300 -17.86 -28.30 -2.37
N VAL C 301 -18.26 -27.07 -2.01
CA VAL C 301 -18.77 -26.75 -0.67
C VAL C 301 -20.16 -26.15 -0.88
N TYR C 302 -21.18 -26.72 -0.24
CA TYR C 302 -22.54 -26.19 -0.37
C TYR C 302 -22.80 -25.08 0.65
N LYS D 11 -27.19 5.19 -36.37
CA LYS D 11 -26.48 5.29 -35.04
C LYS D 11 -25.25 4.40 -35.06
N ARG D 12 -24.09 4.99 -34.80
CA ARG D 12 -22.85 4.23 -34.63
C ARG D 12 -22.32 4.39 -33.21
N LYS D 13 -22.07 3.27 -32.53
CA LYS D 13 -21.55 3.28 -31.16
C LYS D 13 -20.03 3.19 -31.21
N GLY D 14 -19.37 3.77 -30.21
CA GLY D 14 -17.92 3.70 -30.11
C GLY D 14 -17.43 2.80 -28.99
N ILE D 15 -16.35 2.10 -29.23
CA ILE D 15 -15.63 1.37 -28.20
C ILE D 15 -14.16 1.79 -28.20
N ILE D 16 -13.61 2.09 -27.04
CA ILE D 16 -12.15 2.27 -26.89
C ILE D 16 -11.57 1.10 -26.10
N LEU D 17 -10.67 0.33 -26.70
CA LEU D 17 -10.01 -0.76 -25.98
C LEU D 17 -8.70 -0.28 -25.36
N ALA D 18 -8.74 -0.03 -24.05
CA ALA D 18 -7.59 0.47 -23.30
C ALA D 18 -7.20 -0.55 -22.26
N GLY D 19 -6.88 -1.75 -22.74
CA GLY D 19 -6.57 -2.88 -21.89
C GLY D 19 -5.09 -3.07 -21.66
N GLY D 20 -4.75 -4.20 -21.05
CA GLY D 20 -3.40 -4.42 -20.58
C GLY D 20 -2.43 -4.70 -21.70
N SER D 21 -1.25 -4.06 -21.62
CA SER D 21 -0.13 -4.32 -22.53
C SER D 21 0.89 -5.24 -21.87
N GLY D 22 0.43 -6.07 -20.92
CA GLY D 22 1.28 -7.06 -20.25
C GLY D 22 2.39 -6.46 -19.42
N THR D 23 3.59 -7.05 -19.52
CA THR D 23 4.77 -6.59 -18.80
C THR D 23 5.79 -5.93 -19.73
N ARG D 24 5.38 -5.67 -20.97
CA ARG D 24 6.32 -5.24 -22.02
C ARG D 24 7.01 -3.91 -21.69
N LEU D 25 6.27 -2.97 -21.09
CA LEU D 25 6.80 -1.64 -20.74
C LEU D 25 7.04 -1.48 -19.22
N HIS D 26 7.01 -2.59 -18.49
CA HIS D 26 7.36 -2.60 -17.07
C HIS D 26 8.83 -2.31 -16.91
N PRO D 27 9.22 -1.59 -15.84
CA PRO D 27 8.39 -1.09 -14.73
C PRO D 27 7.63 0.22 -14.96
N ALA D 28 7.85 0.89 -16.08
CA ALA D 28 7.21 2.22 -16.31
C ALA D 28 5.70 2.12 -16.16
N THR D 29 5.12 1.01 -16.61
CA THR D 29 3.67 0.80 -16.54
C THR D 29 3.28 -0.20 -15.44
N LEU D 30 4.14 -0.39 -14.45
CA LEU D 30 3.82 -1.25 -13.31
C LEU D 30 2.68 -0.68 -12.48
N ALA D 31 2.74 0.61 -12.19
CA ALA D 31 1.76 1.28 -11.32
C ALA D 31 0.43 1.63 -12.02
N ILE D 32 0.43 1.69 -13.36
CA ILE D 32 -0.69 2.29 -14.10
C ILE D 32 -0.69 1.88 -15.58
N SER D 33 -1.88 1.69 -16.14
CA SER D 33 -2.02 1.31 -17.53
C SER D 33 -1.47 2.44 -18.40
N LYS D 34 -0.86 2.04 -19.50
CA LYS D 34 -0.23 2.97 -20.41
C LYS D 34 -1.22 4.05 -20.83
N GLN D 35 -2.46 3.65 -21.10
CA GLN D 35 -3.43 4.60 -21.68
C GLN D 35 -3.86 5.68 -20.69
N LEU D 36 -3.49 5.55 -19.41
CA LEU D 36 -3.70 6.65 -18.43
C LEU D 36 -2.47 7.54 -18.24
N LEU D 37 -1.38 7.21 -18.90
CA LEU D 37 -0.18 8.03 -18.89
C LEU D 37 -0.31 9.17 -19.89
N PRO D 38 0.23 10.35 -19.55
CA PRO D 38 0.25 11.52 -20.43
C PRO D 38 1.01 11.34 -21.74
N VAL D 39 0.46 11.91 -22.81
CA VAL D 39 1.27 12.20 -24.00
C VAL D 39 1.33 13.73 -24.11
N TYR D 40 2.49 14.28 -23.75
CA TYR D 40 2.69 15.71 -23.52
C TYR D 40 1.79 16.32 -22.44
N ASP D 41 0.61 16.82 -22.82
CA ASP D 41 -0.19 17.66 -21.90
C ASP D 41 -1.52 17.07 -21.48
N LYS D 42 -1.79 15.83 -21.88
CA LYS D 42 -3.09 15.21 -21.60
C LYS D 42 -2.99 13.68 -21.62
N PRO D 43 -3.84 13.00 -20.85
CA PRO D 43 -3.86 11.54 -20.83
C PRO D 43 -4.00 10.93 -22.22
N MET D 44 -3.26 9.84 -22.44
CA MET D 44 -3.19 9.20 -23.75
C MET D 44 -4.57 8.90 -24.34
N ILE D 45 -5.51 8.51 -23.50
CA ILE D 45 -6.83 8.13 -23.96
C ILE D 45 -7.67 9.32 -24.49
N TYR D 46 -7.25 10.56 -24.21
CA TYR D 46 -7.93 11.73 -24.79
C TYR D 46 -7.82 11.69 -26.31
N TYR D 47 -6.74 11.09 -26.82
CA TYR D 47 -6.46 11.13 -28.24
C TYR D 47 -7.38 10.21 -29.06
N PRO D 48 -7.52 8.92 -28.68
CA PRO D 48 -8.55 8.08 -29.34
C PRO D 48 -9.99 8.46 -29.01
N LEU D 49 -10.23 8.98 -27.81
CA LEU D 49 -11.54 9.53 -27.48
C LEU D 49 -11.86 10.69 -28.42
N SER D 50 -10.89 11.57 -28.62
CA SER D 50 -11.09 12.72 -29.48
C SER D 50 -11.35 12.26 -30.92
N THR D 51 -10.73 11.15 -31.32
CA THR D 51 -10.90 10.57 -32.64
C THR D 51 -12.35 10.09 -32.86
N LEU D 52 -12.91 9.37 -31.90
CA LEU D 52 -14.30 8.94 -32.01
C LEU D 52 -15.21 10.17 -32.09
N MET D 53 -14.96 11.15 -31.24
CA MET D 53 -15.81 12.34 -31.21
C MET D 53 -15.73 13.04 -32.58
N LEU D 54 -14.54 13.15 -33.14
CA LEU D 54 -14.39 13.77 -34.47
C LEU D 54 -15.18 12.99 -35.53
N ALA D 55 -15.15 11.65 -35.45
CA ALA D 55 -15.98 10.78 -36.30
C ALA D 55 -17.50 10.94 -36.06
N GLY D 56 -17.89 11.72 -35.07
CA GLY D 56 -19.28 12.03 -34.78
C GLY D 56 -19.92 11.08 -33.77
N ILE D 57 -19.12 10.29 -33.06
CA ILE D 57 -19.64 9.25 -32.17
C ILE D 57 -19.74 9.81 -30.73
N ARG D 58 -20.92 9.70 -30.14
CA ARG D 58 -21.19 10.26 -28.80
C ARG D 58 -21.38 9.21 -27.71
N GLU D 59 -21.91 8.04 -28.08
CA GLU D 59 -22.14 6.94 -27.15
C GLU D 59 -20.96 5.99 -27.26
N ILE D 60 -20.23 5.86 -26.15
CA ILE D 60 -18.89 5.29 -26.16
C ILE D 60 -18.62 4.38 -24.95
N LEU D 61 -18.17 3.15 -25.23
CA LEU D 61 -17.78 2.19 -24.20
C LEU D 61 -16.27 2.10 -24.08
N ILE D 62 -15.78 2.32 -22.86
CA ILE D 62 -14.35 2.23 -22.57
C ILE D 62 -14.09 0.92 -21.87
N ILE D 63 -13.20 0.13 -22.46
CA ILE D 63 -12.83 -1.18 -21.92
C ILE D 63 -11.38 -1.13 -21.43
N SER D 64 -11.17 -1.49 -20.16
CA SER D 64 -9.85 -1.48 -19.53
C SER D 64 -9.65 -2.70 -18.64
N THR D 65 -8.50 -2.80 -17.99
CA THR D 65 -8.27 -3.84 -17.00
C THR D 65 -9.20 -3.67 -15.80
N PRO D 66 -9.53 -4.76 -15.13
CA PRO D 66 -10.33 -4.63 -13.90
C PRO D 66 -9.72 -3.62 -12.91
N GLN D 67 -8.41 -3.67 -12.74
CA GLN D 67 -7.78 -2.74 -11.82
C GLN D 67 -8.02 -1.27 -12.21
N ASP D 68 -7.91 -0.96 -13.49
CA ASP D 68 -7.90 0.47 -13.88
C ASP D 68 -9.23 1.07 -14.32
N THR D 69 -10.29 0.28 -14.39
CA THR D 69 -11.59 0.86 -14.77
C THR D 69 -12.06 2.02 -13.84
N PRO D 70 -11.94 1.88 -12.50
CA PRO D 70 -12.18 3.05 -11.65
C PRO D 70 -11.40 4.30 -12.04
N ARG D 71 -10.17 4.12 -12.51
CA ARG D 71 -9.34 5.25 -12.88
C ARG D 71 -9.83 5.95 -14.16
N PHE D 72 -10.24 5.17 -15.16
CA PHE D 72 -10.83 5.75 -16.37
C PHE D 72 -12.16 6.41 -15.99
N GLN D 73 -12.91 5.76 -15.10
CA GLN D 73 -14.21 6.28 -14.66
C GLN D 73 -14.09 7.62 -13.94
N GLN D 74 -13.18 7.72 -12.97
CA GLN D 74 -12.98 9.00 -12.24
C GLN D 74 -12.40 10.10 -13.12
N LEU D 75 -11.61 9.71 -14.12
CA LEU D 75 -11.08 10.66 -15.09
C LEU D 75 -12.20 11.22 -15.99
N LEU D 76 -12.98 10.33 -16.58
CA LEU D 76 -13.87 10.67 -17.70
C LEU D 76 -15.34 10.84 -17.32
N GLY D 77 -15.77 10.27 -16.20
CA GLY D 77 -17.16 10.42 -15.76
C GLY D 77 -18.14 9.73 -16.69
N ASP D 78 -19.42 10.09 -16.61
CA ASP D 78 -20.42 9.50 -17.50
C ASP D 78 -20.43 10.20 -18.88
N GLY D 79 -19.58 11.19 -19.05
CA GLY D 79 -19.43 11.89 -20.34
C GLY D 79 -20.27 13.14 -20.48
N SER D 80 -21.25 13.30 -19.59
CA SER D 80 -22.31 14.31 -19.77
C SER D 80 -21.79 15.74 -19.84
N ASN D 81 -20.71 16.04 -19.13
CA ASN D 81 -20.15 17.40 -19.19
C ASN D 81 -19.49 17.74 -20.54
N TRP D 82 -19.25 16.72 -21.38
CA TRP D 82 -18.72 16.92 -22.73
C TRP D 82 -19.72 16.54 -23.79
N GLY D 83 -21.00 16.45 -23.42
CA GLY D 83 -22.04 16.01 -24.36
C GLY D 83 -21.94 14.56 -24.84
N LEU D 84 -21.26 13.73 -24.06
CA LEU D 84 -21.10 12.32 -24.38
C LEU D 84 -21.91 11.44 -23.42
N ASP D 85 -22.05 10.19 -23.78
CA ASP D 85 -22.71 9.19 -22.94
C ASP D 85 -21.71 8.02 -22.83
N LEU D 86 -20.92 8.02 -21.76
CA LEU D 86 -19.85 7.04 -21.59
C LEU D 86 -20.24 5.88 -20.69
N GLN D 87 -19.94 4.65 -21.12
CA GLN D 87 -20.11 3.46 -20.29
C GLN D 87 -18.76 2.75 -20.19
N TYR D 88 -18.65 1.81 -19.25
CA TYR D 88 -17.37 1.15 -18.97
C TYR D 88 -17.56 -0.35 -18.83
N ALA D 89 -16.53 -1.08 -19.19
CA ALA D 89 -16.52 -2.52 -19.10
C ALA D 89 -15.08 -2.99 -18.95
N VAL D 90 -14.89 -4.19 -18.44
CA VAL D 90 -13.55 -4.70 -18.14
C VAL D 90 -13.16 -5.85 -19.08
N GLN D 91 -11.86 -6.00 -19.33
CA GLN D 91 -11.33 -7.17 -20.02
C GLN D 91 -10.40 -7.91 -19.04
N PRO D 92 -10.88 -8.99 -18.39
CA PRO D 92 -10.10 -9.68 -17.34
C PRO D 92 -8.67 -10.05 -17.74
N SER D 93 -8.46 -10.37 -19.02
CA SER D 93 -7.16 -10.85 -19.50
C SER D 93 -6.92 -10.42 -20.96
N PRO D 94 -5.65 -10.15 -21.35
CA PRO D 94 -5.36 -9.67 -22.71
C PRO D 94 -5.46 -10.74 -23.80
N ASP D 95 -6.68 -11.18 -24.07
CA ASP D 95 -6.93 -12.33 -24.94
C ASP D 95 -7.36 -11.97 -26.37
N GLY D 96 -7.06 -10.75 -26.81
CA GLY D 96 -7.22 -10.35 -28.21
C GLY D 96 -8.13 -9.15 -28.38
N LEU D 97 -7.84 -8.34 -29.38
CA LEU D 97 -8.60 -7.11 -29.62
C LEU D 97 -10.06 -7.41 -29.95
N ALA D 98 -10.29 -8.56 -30.60
CA ALA D 98 -11.65 -8.99 -30.98
C ALA D 98 -12.56 -9.26 -29.79
N GLN D 99 -11.97 -9.51 -28.61
CA GLN D 99 -12.79 -9.64 -27.40
C GLN D 99 -13.64 -8.41 -27.11
N ALA D 100 -13.23 -7.26 -27.63
CA ALA D 100 -14.01 -6.03 -27.48
C ALA D 100 -15.46 -6.17 -27.89
N PHE D 101 -15.72 -6.94 -28.94
CA PHE D 101 -17.09 -7.12 -29.45
C PHE D 101 -17.89 -8.14 -28.65
N LEU D 102 -17.21 -9.08 -28.01
CA LEU D 102 -17.85 -9.97 -27.06
C LEU D 102 -18.20 -9.19 -25.79
N ILE D 103 -17.20 -8.56 -25.18
CA ILE D 103 -17.40 -7.74 -24.00
C ILE D 103 -18.44 -6.65 -24.30
N GLY D 104 -18.31 -6.02 -25.47
CA GLY D 104 -19.21 -4.92 -25.89
C GLY D 104 -20.53 -5.30 -26.58
N GLU D 105 -20.83 -6.59 -26.66
CA GLU D 105 -22.01 -7.07 -27.37
C GLU D 105 -23.31 -6.38 -26.99
N SER D 106 -23.64 -6.32 -25.70
CA SER D 106 -24.93 -5.72 -25.29
C SER D 106 -24.93 -4.19 -25.41
N PHE D 107 -23.77 -3.57 -25.20
CA PHE D 107 -23.59 -2.14 -25.49
C PHE D 107 -23.92 -1.83 -26.97
N ILE D 108 -23.31 -2.58 -27.88
CA ILE D 108 -23.51 -2.38 -29.31
C ILE D 108 -24.99 -2.58 -29.68
N GLY D 109 -25.58 -3.68 -29.18
CA GLY D 109 -26.95 -4.02 -29.55
C GLY D 109 -27.05 -4.30 -31.05
N ASN D 110 -27.99 -3.62 -31.70
CA ASN D 110 -28.20 -3.77 -33.14
C ASN D 110 -27.66 -2.57 -33.95
N ASP D 111 -26.85 -1.75 -33.30
CA ASP D 111 -26.30 -0.57 -33.95
C ASP D 111 -25.02 -0.85 -34.70
N LEU D 112 -24.61 0.16 -35.48
CA LEU D 112 -23.30 0.20 -36.11
C LEU D 112 -22.24 0.47 -35.03
N SER D 113 -20.99 0.09 -35.28
CA SER D 113 -19.93 0.30 -34.29
C SER D 113 -18.58 0.73 -34.88
N ALA D 114 -17.71 1.21 -34.00
CA ALA D 114 -16.36 1.58 -34.38
C ALA D 114 -15.48 1.29 -33.18
N LEU D 115 -14.38 0.56 -33.39
CA LEU D 115 -13.39 0.33 -32.36
C LEU D 115 -12.14 1.16 -32.66
N VAL D 116 -11.61 1.81 -31.62
CA VAL D 116 -10.29 2.45 -31.69
C VAL D 116 -9.43 1.97 -30.53
N LEU D 117 -8.14 1.75 -30.76
CA LEU D 117 -7.25 1.29 -29.70
C LEU D 117 -6.85 2.48 -28.82
N GLY D 118 -6.89 2.26 -27.52
CA GLY D 118 -6.66 3.33 -26.55
C GLY D 118 -5.30 4.00 -26.57
N ASP D 119 -4.32 3.41 -27.26
CA ASP D 119 -2.95 3.95 -27.33
C ASP D 119 -2.53 4.40 -28.74
N ASN D 120 -3.50 4.62 -29.62
CA ASN D 120 -3.24 5.05 -30.98
C ASN D 120 -3.49 6.56 -31.13
N LEU D 121 -2.50 7.25 -31.69
CA LEU D 121 -2.56 8.70 -31.94
C LEU D 121 -2.57 8.98 -33.44
N TYR D 122 -3.52 9.82 -33.85
CA TYR D 122 -3.62 10.28 -35.23
C TYR D 122 -3.54 11.80 -35.32
N TYR D 123 -3.03 12.28 -36.46
CA TYR D 123 -3.03 13.69 -36.78
C TYR D 123 -2.97 13.89 -38.29
N GLY D 124 -3.77 14.83 -38.78
CA GLY D 124 -3.61 15.32 -40.13
C GLY D 124 -4.79 16.10 -40.64
N HIS D 125 -4.56 16.74 -41.77
CA HIS D 125 -5.53 17.57 -42.44
C HIS D 125 -6.64 16.74 -43.03
N ASP D 126 -7.88 17.20 -42.83
CA ASP D 126 -9.07 16.53 -43.31
C ASP D 126 -9.29 15.14 -42.69
N PHE D 127 -8.79 14.95 -41.48
CA PHE D 127 -8.99 13.72 -40.72
C PHE D 127 -10.48 13.52 -40.47
N HIS D 128 -11.18 14.61 -40.20
CA HIS D 128 -12.62 14.62 -39.99
C HIS D 128 -13.37 13.99 -41.14
N GLU D 129 -12.95 14.28 -42.36
CA GLU D 129 -13.64 13.80 -43.57
C GLU D 129 -13.26 12.36 -43.86
N LEU D 130 -12.01 12.00 -43.56
CA LEU D 130 -11.56 10.61 -43.64
C LEU D 130 -12.40 9.73 -42.69
N LEU D 131 -12.61 10.19 -41.46
CA LEU D 131 -13.45 9.46 -40.51
C LEU D 131 -14.93 9.49 -40.94
N GLY D 132 -15.41 10.68 -41.31
CA GLY D 132 -16.78 10.89 -41.71
C GLY D 132 -17.23 10.00 -42.86
N SER D 133 -16.31 9.73 -43.78
CA SER D 133 -16.60 8.87 -44.93
C SER D 133 -16.72 7.42 -44.52
N ALA D 134 -15.77 6.94 -43.71
CA ALA D 134 -15.86 5.60 -43.18
C ALA D 134 -17.13 5.45 -42.34
N SER D 135 -17.40 6.40 -41.47
CA SER D 135 -18.59 6.35 -40.60
C SER D 135 -19.92 6.29 -41.36
N GLN D 136 -19.96 6.94 -42.53
CA GLN D 136 -21.17 7.00 -43.38
C GLN D 136 -21.47 5.69 -44.12
N ARG D 137 -20.43 4.92 -44.44
CA ARG D 137 -20.60 3.62 -45.09
C ARG D 137 -21.36 2.68 -44.14
N GLN D 138 -22.65 2.50 -44.38
CA GLN D 138 -23.53 1.78 -43.43
C GLN D 138 -23.48 0.25 -43.52
N THR D 139 -22.74 -0.29 -44.48
CA THR D 139 -22.65 -1.73 -44.66
C THR D 139 -21.18 -2.11 -44.81
N GLY D 140 -20.85 -3.34 -44.45
CA GLY D 140 -19.48 -3.79 -44.50
C GLY D 140 -18.65 -3.12 -43.40
N ALA D 141 -17.33 -3.20 -43.58
CA ALA D 141 -16.37 -2.67 -42.62
C ALA D 141 -15.34 -1.80 -43.33
N SER D 142 -14.88 -0.76 -42.65
CA SER D 142 -13.79 0.08 -43.14
C SER D 142 -12.60 0.11 -42.18
N VAL D 143 -11.41 -0.17 -42.72
CA VAL D 143 -10.15 -0.02 -42.02
C VAL D 143 -9.21 0.88 -42.84
N PHE D 144 -8.07 1.24 -42.24
CA PHE D 144 -7.10 2.09 -42.89
C PHE D 144 -5.74 1.41 -42.94
N ALA D 145 -5.06 1.53 -44.09
CA ALA D 145 -3.71 1.01 -44.27
C ALA D 145 -2.70 2.17 -44.34
N TYR D 146 -1.61 2.06 -43.59
CA TYR D 146 -0.62 3.14 -43.45
C TYR D 146 0.74 2.55 -43.71
N HIS D 147 1.56 3.24 -44.51
CA HIS D 147 2.92 2.78 -44.77
C HIS D 147 3.80 2.93 -43.54
N VAL D 148 4.44 1.84 -43.12
CA VAL D 148 5.35 1.83 -41.97
C VAL D 148 6.67 1.15 -42.30
N LEU D 149 7.67 1.42 -41.47
CA LEU D 149 9.00 0.82 -41.58
C LEU D 149 9.00 -0.64 -41.12
N ASP D 150 8.11 -0.98 -40.18
CA ASP D 150 8.15 -2.28 -39.53
C ASP D 150 6.78 -2.98 -39.59
N PRO D 151 6.37 -3.42 -40.79
CA PRO D 151 5.03 -3.98 -40.94
C PRO D 151 4.79 -5.31 -40.21
N GLU D 152 5.85 -6.06 -39.92
CA GLU D 152 5.77 -7.34 -39.14
C GLU D 152 5.10 -7.17 -37.79
N ARG D 153 5.13 -5.97 -37.24
CA ARG D 153 4.50 -5.74 -35.94
C ARG D 153 3.00 -5.67 -36.03
N TYR D 154 2.45 -5.55 -37.23
CA TYR D 154 1.03 -5.26 -37.39
C TYR D 154 0.25 -6.26 -38.24
N GLY D 155 -1.04 -5.96 -38.43
CA GLY D 155 -1.83 -6.55 -39.48
C GLY D 155 -1.47 -5.94 -40.83
N VAL D 156 -0.86 -6.77 -41.68
CA VAL D 156 -0.32 -6.34 -42.97
C VAL D 156 -1.30 -6.60 -44.11
N VAL D 157 -1.62 -5.56 -44.88
CA VAL D 157 -2.51 -5.69 -46.02
C VAL D 157 -1.69 -5.77 -47.32
N GLU D 158 -1.95 -6.81 -48.11
CA GLU D 158 -1.40 -6.97 -49.46
C GLU D 158 -2.43 -6.52 -50.50
N PHE D 159 -1.95 -5.81 -51.51
CA PHE D 159 -2.78 -5.27 -52.60
C PHE D 159 -2.35 -5.88 -53.94
N ASP D 160 -3.28 -6.02 -54.88
CA ASP D 160 -2.92 -6.47 -56.23
C ASP D 160 -2.48 -5.26 -57.07
N GLN D 161 -1.99 -5.50 -58.28
CA GLN D 161 -1.49 -4.43 -59.14
C GLN D 161 -2.55 -3.34 -59.39
N GLY D 162 -3.83 -3.71 -59.34
CA GLY D 162 -4.91 -2.74 -59.43
C GLY D 162 -5.19 -1.91 -58.17
N GLY D 163 -4.48 -2.22 -57.08
CA GLY D 163 -4.68 -1.53 -55.80
C GLY D 163 -5.75 -2.15 -54.91
N LYS D 164 -6.25 -3.34 -55.27
CA LYS D 164 -7.28 -3.99 -54.46
C LYS D 164 -6.64 -4.82 -53.35
N ALA D 165 -7.20 -4.75 -52.14
CA ALA D 165 -6.72 -5.60 -51.03
C ALA D 165 -7.05 -7.06 -51.33
N ILE D 166 -6.04 -7.92 -51.34
CA ILE D 166 -6.25 -9.35 -51.60
C ILE D 166 -5.85 -10.29 -50.45
N SER D 167 -5.07 -9.81 -49.48
CA SER D 167 -4.80 -10.60 -48.28
C SER D 167 -4.48 -9.75 -47.04
N LEU D 168 -4.65 -10.37 -45.87
CA LEU D 168 -4.35 -9.79 -44.56
C LEU D 168 -3.61 -10.83 -43.78
N GLU D 169 -2.50 -10.44 -43.16
CA GLU D 169 -1.77 -11.32 -42.28
C GLU D 169 -1.38 -10.60 -40.98
N GLU D 170 -1.54 -11.31 -39.87
CA GLU D 170 -1.24 -10.77 -38.56
C GLU D 170 0.20 -11.09 -38.22
N LYS D 171 1.03 -10.05 -38.15
CA LYS D 171 2.43 -10.20 -37.81
C LYS D 171 3.09 -11.28 -38.64
N PRO D 172 3.11 -11.11 -39.96
CA PRO D 172 3.78 -12.11 -40.77
C PRO D 172 5.27 -12.11 -40.52
N LEU D 173 5.90 -13.26 -40.64
CA LEU D 173 7.36 -13.37 -40.59
C LEU D 173 7.97 -12.66 -41.80
N GLU D 174 7.28 -12.76 -42.94
CA GLU D 174 7.71 -12.20 -44.22
C GLU D 174 6.59 -11.33 -44.80
N PRO D 175 6.50 -10.07 -44.34
CA PRO D 175 5.36 -9.27 -44.74
C PRO D 175 5.28 -9.08 -46.25
N LYS D 176 4.05 -8.97 -46.76
CA LYS D 176 3.81 -8.92 -48.19
C LYS D 176 3.91 -7.51 -48.71
N SER D 177 3.73 -6.52 -47.83
CA SER D 177 3.93 -5.12 -48.16
C SER D 177 4.38 -4.37 -46.90
N ASN D 178 4.48 -3.05 -47.01
CA ASN D 178 4.80 -2.20 -45.85
C ASN D 178 3.57 -1.48 -45.32
N TYR D 179 2.37 -2.00 -45.65
CA TYR D 179 1.12 -1.35 -45.28
C TYR D 179 0.48 -2.05 -44.10
N ALA D 180 0.39 -1.32 -43.00
CA ALA D 180 -0.11 -1.82 -41.73
C ALA D 180 -1.54 -1.34 -41.57
N VAL D 181 -2.41 -2.16 -41.02
CA VAL D 181 -3.75 -1.73 -40.63
C VAL D 181 -3.64 -0.94 -39.32
N THR D 182 -4.24 0.25 -39.26
CA THR D 182 -4.17 1.09 -38.07
C THR D 182 -5.22 0.67 -37.02
N GLY D 183 -5.13 1.25 -35.82
CA GLY D 183 -6.02 0.87 -34.71
C GLY D 183 -7.35 1.58 -34.71
N LEU D 184 -7.97 1.65 -35.89
CA LEU D 184 -9.25 2.31 -36.06
C LEU D 184 -10.08 1.50 -37.03
N TYR D 185 -11.23 1.03 -36.54
CA TYR D 185 -12.04 0.08 -37.28
C TYR D 185 -13.50 0.46 -37.19
N PHE D 186 -14.15 0.48 -38.35
CA PHE D 186 -15.59 0.71 -38.43
C PHE D 186 -16.27 -0.57 -38.92
N TYR D 187 -17.37 -0.95 -38.26
CA TYR D 187 -18.07 -2.19 -38.57
C TYR D 187 -19.57 -1.97 -38.69
N ASP D 188 -20.21 -2.78 -39.54
CA ASP D 188 -21.69 -2.81 -39.59
C ASP D 188 -22.22 -3.70 -38.47
N GLN D 189 -23.48 -4.12 -38.58
CA GLN D 189 -24.11 -5.00 -37.59
C GLN D 189 -23.64 -6.46 -37.58
N GLN D 190 -22.73 -6.84 -38.48
CA GLN D 190 -22.25 -8.21 -38.57
C GLN D 190 -21.12 -8.59 -37.60
N VAL D 191 -20.42 -7.61 -37.05
CA VAL D 191 -19.15 -7.88 -36.35
C VAL D 191 -19.30 -8.73 -35.08
N VAL D 192 -20.34 -8.49 -34.29
CA VAL D 192 -20.52 -9.26 -33.06
C VAL D 192 -20.60 -10.75 -33.38
N ASP D 193 -21.48 -11.11 -34.33
CA ASP D 193 -21.68 -12.51 -34.76
C ASP D 193 -20.43 -13.14 -35.36
N ILE D 194 -19.63 -12.34 -36.08
CA ILE D 194 -18.33 -12.79 -36.59
C ILE D 194 -17.35 -13.02 -35.45
N ALA D 195 -17.32 -12.09 -34.49
CA ALA D 195 -16.47 -12.21 -33.28
C ALA D 195 -16.86 -13.44 -32.47
N ARG D 196 -18.16 -13.68 -32.31
CA ARG D 196 -18.65 -14.82 -31.50
C ARG D 196 -18.19 -16.18 -32.04
N ASP D 197 -17.90 -16.26 -33.34
CA ASP D 197 -17.46 -17.51 -33.97
C ASP D 197 -15.95 -17.60 -34.14
N LEU D 198 -15.21 -16.60 -33.69
CA LEU D 198 -13.75 -16.67 -33.79
C LEU D 198 -13.22 -17.81 -32.94
N LYS D 199 -12.21 -18.48 -33.46
CA LYS D 199 -11.41 -19.44 -32.70
C LYS D 199 -10.18 -18.69 -32.23
N PRO D 200 -9.62 -19.06 -31.07
CA PRO D 200 -8.33 -18.50 -30.68
C PRO D 200 -7.21 -18.83 -31.68
N SER D 201 -6.34 -17.86 -31.94
CA SER D 201 -5.20 -18.05 -32.84
C SER D 201 -4.13 -18.92 -32.17
N PRO D 202 -3.05 -19.27 -32.91
CA PRO D 202 -1.96 -20.06 -32.30
C PRO D 202 -1.27 -19.38 -31.10
N ARG D 203 -1.18 -18.05 -31.12
CA ARG D 203 -0.65 -17.29 -29.97
C ARG D 203 -1.69 -17.15 -28.83
N GLY D 204 -2.91 -17.64 -29.05
CA GLY D 204 -3.91 -17.78 -28.01
C GLY D 204 -4.83 -16.57 -27.86
N GLU D 205 -5.09 -15.89 -28.98
CA GLU D 205 -5.84 -14.65 -28.95
C GLU D 205 -6.98 -14.63 -29.96
N LEU D 206 -8.04 -13.90 -29.64
CA LEU D 206 -9.10 -13.64 -30.58
C LEU D 206 -8.67 -12.40 -31.40
N GLU D 207 -8.32 -12.67 -32.66
CA GLU D 207 -7.63 -11.71 -33.54
C GLU D 207 -8.59 -10.79 -34.28
N ILE D 208 -8.34 -9.48 -34.18
CA ILE D 208 -9.10 -8.50 -34.96
C ILE D 208 -8.88 -8.76 -36.44
N THR D 209 -7.69 -9.24 -36.81
CA THR D 209 -7.37 -9.52 -38.21
C THR D 209 -8.21 -10.67 -38.79
N ASP D 210 -8.63 -11.62 -37.96
CA ASP D 210 -9.59 -12.64 -38.38
C ASP D 210 -10.97 -12.04 -38.60
N VAL D 211 -11.37 -11.06 -37.79
CA VAL D 211 -12.63 -10.34 -38.02
C VAL D 211 -12.59 -9.64 -39.38
N ASN D 212 -11.49 -8.93 -39.64
CA ASN D 212 -11.33 -8.19 -40.88
C ASN D 212 -11.20 -9.10 -42.09
N ARG D 213 -10.56 -10.27 -41.93
CA ARG D 213 -10.47 -11.23 -43.03
C ARG D 213 -11.86 -11.77 -43.40
N ALA D 214 -12.74 -11.91 -42.41
CA ALA D 214 -14.11 -12.37 -42.66
C ALA D 214 -14.82 -11.41 -43.58
N TYR D 215 -14.70 -10.10 -43.31
CA TYR D 215 -15.24 -9.09 -44.23
C TYR D 215 -14.52 -9.13 -45.58
N LEU D 216 -13.21 -9.36 -45.56
CA LEU D 216 -12.44 -9.43 -46.82
C LEU D 216 -12.93 -10.57 -47.74
N GLU D 217 -13.15 -11.76 -47.18
CA GLU D 217 -13.57 -12.93 -47.99
C GLU D 217 -14.93 -12.71 -48.69
N ARG D 218 -15.79 -11.90 -48.09
CA ARG D 218 -17.09 -11.52 -48.68
C ARG D 218 -17.04 -10.21 -49.47
N GLY D 219 -15.83 -9.70 -49.74
CA GLY D 219 -15.67 -8.46 -50.50
C GLY D 219 -16.29 -7.25 -49.79
N GLN D 220 -16.36 -7.29 -48.46
CA GLN D 220 -16.99 -6.20 -47.69
C GLN D 220 -16.01 -5.43 -46.79
N LEU D 221 -14.71 -5.60 -47.05
CA LEU D 221 -13.67 -4.82 -46.36
C LEU D 221 -13.19 -3.67 -47.25
N SER D 222 -13.60 -2.47 -46.90
CA SER D 222 -13.05 -1.27 -47.51
C SER D 222 -11.72 -0.94 -46.83
N VAL D 223 -10.63 -1.06 -47.57
CA VAL D 223 -9.30 -0.69 -47.08
C VAL D 223 -8.87 0.66 -47.67
N GLU D 224 -9.01 1.72 -46.88
CA GLU D 224 -8.58 3.05 -47.31
C GLU D 224 -7.11 3.27 -46.99
N ILE D 225 -6.38 3.91 -47.90
CA ILE D 225 -5.01 4.32 -47.59
C ILE D 225 -5.05 5.54 -46.68
N MET D 226 -4.39 5.46 -45.53
CA MET D 226 -4.11 6.64 -44.73
C MET D 226 -2.80 7.17 -45.28
N GLY D 227 -2.86 8.30 -45.96
CA GLY D 227 -1.69 8.81 -46.66
C GLY D 227 -0.51 9.20 -45.79
N ARG D 228 0.64 9.36 -46.44
CA ARG D 228 1.88 9.77 -45.77
C ARG D 228 1.81 11.18 -45.17
N GLY D 229 0.81 11.95 -45.59
CA GLY D 229 0.51 13.25 -44.97
C GLY D 229 -0.19 13.18 -43.62
N TYR D 230 -0.61 11.98 -43.22
CA TYR D 230 -1.16 11.77 -41.90
C TYR D 230 -0.09 11.20 -40.99
N ALA D 231 -0.14 11.59 -39.71
CA ALA D 231 0.72 11.01 -38.70
C ALA D 231 -0.11 9.99 -37.92
N TRP D 232 0.28 8.72 -38.03
CA TRP D 232 -0.15 7.65 -37.12
C TRP D 232 1.06 7.36 -36.28
N LEU D 233 1.05 7.84 -35.03
CA LEU D 233 2.23 7.78 -34.17
C LEU D 233 2.30 6.47 -33.40
N ASP D 234 3.53 6.05 -33.10
CA ASP D 234 3.83 4.81 -32.43
C ASP D 234 3.91 5.06 -30.91
N THR D 235 3.08 4.36 -30.12
CA THR D 235 3.19 4.35 -28.65
C THR D 235 3.63 2.99 -28.02
N GLY D 236 4.24 2.12 -28.82
CA GLY D 236 4.54 0.75 -28.40
C GLY D 236 5.81 0.53 -27.59
N THR D 237 6.79 1.44 -27.70
CA THR D 237 8.05 1.36 -26.95
C THR D 237 8.30 2.66 -26.16
N HIS D 238 9.28 2.65 -25.26
CA HIS D 238 9.60 3.86 -24.49
C HIS D 238 10.08 4.93 -25.41
N ASP D 239 10.91 4.55 -26.37
CA ASP D 239 11.45 5.51 -27.35
C ASP D 239 10.31 6.12 -28.15
N SER D 240 9.32 5.31 -28.51
CA SER D 240 8.21 5.80 -29.32
C SER D 240 7.20 6.63 -28.51
N LEU D 241 7.05 6.36 -27.22
CA LEU D 241 6.23 7.22 -26.34
C LEU D 241 6.76 8.65 -26.33
N LEU D 242 8.07 8.73 -26.15
CA LEU D 242 8.82 9.95 -26.06
C LEU D 242 8.63 10.79 -27.33
N GLU D 243 8.95 10.19 -28.48
CA GLU D 243 8.72 10.82 -29.80
C GLU D 243 7.31 11.37 -30.00
N ALA D 244 6.32 10.62 -29.54
CA ALA D 244 4.94 11.02 -29.70
C ALA D 244 4.68 12.28 -28.90
N GLY D 245 5.29 12.34 -27.71
CA GLY D 245 5.25 13.53 -26.86
C GLY D 245 5.90 14.73 -27.51
N GLN D 246 7.09 14.53 -28.11
CA GLN D 246 7.80 15.61 -28.80
CA GLN D 246 7.81 15.58 -28.81
C GLN D 246 7.06 16.08 -30.03
N PHE D 247 6.33 15.16 -30.68
CA PHE D 247 5.59 15.46 -31.90
C PHE D 247 4.41 16.35 -31.57
N ILE D 248 3.62 15.97 -30.56
CA ILE D 248 2.50 16.78 -30.13
C ILE D 248 2.93 18.15 -29.60
N ALA D 249 4.07 18.21 -28.90
CA ALA D 249 4.56 19.46 -28.30
C ALA D 249 4.96 20.46 -29.37
N THR D 250 5.67 19.98 -30.38
CA THR D 250 6.06 20.82 -31.49
C THR D 250 4.84 21.43 -32.25
N LEU D 251 3.83 20.62 -32.54
CA LEU D 251 2.59 21.11 -33.14
C LEU D 251 1.87 22.14 -32.28
N GLU D 252 1.71 21.87 -30.99
CA GLU D 252 0.97 22.75 -30.11
C GLU D 252 1.69 24.08 -29.78
N ASN D 253 3.01 24.02 -29.58
CA ASN D 253 3.77 25.22 -29.29
C ASN D 253 3.97 26.08 -30.55
N ARG D 254 3.92 25.46 -31.72
CA ARG D 254 4.02 26.17 -32.97
C ARG D 254 2.71 26.92 -33.22
N GLN D 255 1.59 26.22 -33.00
CA GLN D 255 0.27 26.68 -33.39
C GLN D 255 -0.49 27.51 -32.39
N GLY D 256 -0.19 27.34 -31.11
CA GLY D 256 -1.05 27.85 -30.06
C GLY D 256 -2.40 27.14 -30.07
N LEU D 257 -2.46 25.97 -30.70
CA LEU D 257 -3.69 25.17 -30.78
C LEU D 257 -3.36 23.76 -30.27
N LYS D 258 -4.30 23.11 -29.59
CA LYS D 258 -4.09 21.76 -29.07
C LYS D 258 -4.59 20.68 -30.04
N VAL D 259 -3.93 19.51 -29.98
CA VAL D 259 -4.38 18.30 -30.68
C VAL D 259 -5.19 17.46 -29.70
N ALA D 260 -6.40 17.07 -30.13
CA ALA D 260 -7.20 16.08 -29.41
C ALA D 260 -7.59 16.55 -28.02
N CYS D 261 -8.08 17.78 -27.95
CA CYS D 261 -8.67 18.34 -26.74
C CYS D 261 -10.16 18.02 -26.78
N PRO D 262 -10.62 17.11 -25.91
CA PRO D 262 -12.00 16.67 -26.08
C PRO D 262 -13.02 17.80 -25.90
N GLU D 263 -12.75 18.73 -24.99
CA GLU D 263 -13.68 19.84 -24.73
C GLU D 263 -13.84 20.70 -25.99
N GLU D 264 -12.74 20.95 -26.67
CA GLU D 264 -12.78 21.71 -27.92
C GLU D 264 -13.60 20.96 -28.98
N ILE D 265 -13.37 19.66 -29.11
CA ILE D 265 -14.07 18.88 -30.14
C ILE D 265 -15.57 18.84 -29.86
N ALA D 266 -15.96 18.60 -28.61
CA ALA D 266 -17.36 18.70 -28.23
C ALA D 266 -17.93 20.05 -28.68
N TYR D 267 -17.26 21.13 -28.28
CA TYR D 267 -17.73 22.49 -28.54
C TYR D 267 -17.86 22.79 -30.04
N ARG D 268 -16.88 22.34 -30.82
CA ARG D 268 -16.92 22.48 -32.27
C ARG D 268 -17.97 21.59 -32.96
N GLN D 269 -18.29 20.44 -32.37
CA GLN D 269 -19.40 19.59 -32.83
C GLN D 269 -20.76 20.13 -32.33
N LYS D 270 -20.70 21.13 -31.46
CA LYS D 270 -21.88 21.80 -30.90
C LYS D 270 -22.65 20.90 -29.94
N TRP D 271 -21.92 19.99 -29.30
CA TRP D 271 -22.47 19.09 -28.31
C TRP D 271 -22.55 19.75 -26.97
N ILE D 272 -21.79 20.82 -26.76
CA ILE D 272 -21.90 21.68 -25.58
C ILE D 272 -21.89 23.13 -26.06
N ASP D 273 -22.52 24.02 -25.29
CA ASP D 273 -22.60 25.44 -25.66
C ASP D 273 -21.51 26.27 -24.99
N ALA D 274 -21.45 27.56 -25.35
CA ALA D 274 -20.45 28.50 -24.84
C ALA D 274 -20.40 28.58 -23.32
N ALA D 275 -21.57 28.48 -22.68
CA ALA D 275 -21.65 28.57 -21.22
C ALA D 275 -21.15 27.29 -20.54
N GLN D 276 -21.34 26.12 -21.17
CA GLN D 276 -20.82 24.86 -20.63
C GLN D 276 -19.29 24.78 -20.78
N LEU D 277 -18.77 25.20 -21.92
CA LEU D 277 -17.31 25.28 -22.10
C LEU D 277 -16.69 26.20 -21.04
N GLU D 278 -17.41 27.25 -20.67
CA GLU D 278 -16.91 28.21 -19.70
C GLU D 278 -16.83 27.58 -18.32
N LYS D 279 -17.84 26.79 -17.97
CA LYS D 279 -17.85 26.06 -16.70
C LYS D 279 -16.69 25.08 -16.65
N LEU D 280 -16.43 24.40 -17.77
CA LEU D 280 -15.33 23.45 -17.83
C LEU D 280 -13.98 24.12 -17.60
N ALA D 281 -13.82 25.34 -18.12
CA ALA D 281 -12.56 26.09 -17.97
C ALA D 281 -12.25 26.47 -16.51
N ALA D 282 -13.29 26.68 -15.71
CA ALA D 282 -13.15 27.23 -14.36
C ALA D 282 -12.12 26.51 -13.47
N PRO D 283 -12.25 25.18 -13.30
CA PRO D 283 -11.30 24.43 -12.44
C PRO D 283 -9.82 24.49 -12.85
N LEU D 284 -9.54 24.63 -14.13
CA LEU D 284 -8.18 24.58 -14.65
C LEU D 284 -7.64 25.98 -14.96
N ALA D 285 -8.39 27.02 -14.59
CA ALA D 285 -8.11 28.42 -15.01
C ALA D 285 -6.68 28.92 -14.78
N LYS D 286 -6.02 28.39 -13.75
CA LYS D 286 -4.69 28.85 -13.40
C LYS D 286 -3.55 28.14 -14.13
N ASN D 287 -3.87 27.15 -14.98
CA ASN D 287 -2.85 26.53 -15.85
C ASN D 287 -3.19 26.71 -17.34
N GLY D 288 -2.28 26.26 -18.19
CA GLY D 288 -2.41 26.41 -19.63
C GLY D 288 -3.64 25.75 -20.24
N TYR D 289 -4.05 24.61 -19.69
CA TYR D 289 -5.15 23.87 -20.28
C TYR D 289 -6.45 24.64 -20.12
N GLY D 290 -6.75 25.13 -18.92
CA GLY D 290 -7.94 25.96 -18.70
C GLY D 290 -7.89 27.31 -19.41
N GLN D 291 -6.70 27.91 -19.47
CA GLN D 291 -6.52 29.17 -20.20
C GLN D 291 -6.89 28.93 -21.67
N TYR D 292 -6.38 27.83 -22.23
CA TYR D 292 -6.71 27.42 -23.59
C TYR D 292 -8.20 27.32 -23.83
N LEU D 293 -8.90 26.65 -22.92
CA LEU D 293 -10.34 26.47 -23.06
C LEU D 293 -11.10 27.81 -23.05
N LYS D 294 -10.63 28.74 -22.22
CA LYS D 294 -11.20 30.08 -22.12
C LYS D 294 -11.02 30.84 -23.43
N ARG D 295 -9.80 30.83 -23.97
CA ARG D 295 -9.50 31.48 -25.24
C ARG D 295 -10.30 30.91 -26.43
N LEU D 296 -10.79 29.67 -26.33
CA LEU D 296 -11.63 29.12 -27.39
C LEU D 296 -13.03 29.76 -27.44
N LEU D 297 -13.43 30.45 -26.38
CA LEU D 297 -14.73 31.13 -26.34
C LEU D 297 -14.83 32.34 -27.28
N THR D 298 -13.74 33.11 -27.39
CA THR D 298 -13.75 34.38 -28.10
C THR D 298 -13.01 34.34 -29.45
N GLU D 299 -12.23 33.30 -29.71
CA GLU D 299 -11.43 33.25 -30.93
C GLU D 299 -12.05 32.40 -32.04
N THR D 300 -12.04 32.92 -33.26
CA THR D 300 -12.42 32.16 -34.43
C THR D 300 -11.19 31.41 -34.96
N VAL D 301 -11.31 30.09 -35.05
CA VAL D 301 -10.23 29.24 -35.53
C VAL D 301 -10.77 28.49 -36.70
N TYR D 302 -10.15 28.65 -37.87
CA TYR D 302 -10.65 28.01 -39.09
C TYR D 302 -10.16 26.57 -39.22
#